data_1DFI
#
_entry.id   1DFI
#
_cell.length_a   74.000
_cell.length_b   81.200
_cell.length_c   79.000
_cell.angle_alpha   90.00
_cell.angle_beta   92.90
_cell.angle_gamma   90.00
#
_symmetry.space_group_name_H-M   'P 1 21 1'
#
loop_
_entity.id
_entity.type
_entity.pdbx_description
1 polymer 'ENOYL ACYL CARRIER PROTEIN REDUCTASE'
2 non-polymer NICOTINAMIDE-ADENINE-DINUCLEOTIDE
3 water water
#
_entity_poly.entity_id   1
_entity_poly.type   'polypeptide(L)'
_entity_poly.pdbx_seq_one_letter_code
;GFLSGKRILVTGVASKLSIAYGIAQAMHREGAELAFTYQNDKLKGRVEEFAAQLGSDIVLQCDVAEDASIDTMFAELGKV
WPKFDGFVHSIGFAPGDQLDGDYVNAVTREGFKIAHDISSYSFVAMAKACRSMLNPGSALLTLSYLGAERAIPNYNVMGL
AKASLEANVRYMANAMGPEGVRVNAISAGPIRTLAASGIKDFRKMLAHCEAVTPIRRTVTIEDVGNSAAFLCSDLSAGIS
GEVVHVDGGFSIAAMNELELK
;
_entity_poly.pdbx_strand_id   A,B,C,D
#
loop_
_chem_comp.id
_chem_comp.type
_chem_comp.name
_chem_comp.formula
NAD non-polymer NICOTINAMIDE-ADENINE-DINUCLEOTIDE 'C21 H27 N7 O14 P2'
#
# COMPACT_ATOMS: atom_id res chain seq x y z
N GLY A 1 -3.21 -1.10 35.68
CA GLY A 1 -3.61 -1.25 34.28
C GLY A 1 -2.50 -1.94 33.46
N PHE A 2 -2.63 -1.94 32.14
CA PHE A 2 -1.66 -2.62 31.32
C PHE A 2 -0.36 -1.85 30.99
N LEU A 3 -0.20 -0.68 31.63
CA LEU A 3 1.02 0.17 31.52
C LEU A 3 1.69 0.34 32.88
N SER A 4 1.15 -0.31 33.91
CA SER A 4 1.73 -0.19 35.27
C SER A 4 3.20 -0.65 35.33
N GLY A 5 4.06 0.16 35.94
CA GLY A 5 5.47 -0.20 35.99
C GLY A 5 6.25 0.29 34.74
N LYS A 6 5.60 1.13 33.93
CA LYS A 6 6.26 1.67 32.74
C LYS A 6 6.47 3.16 32.97
N ARG A 7 7.61 3.65 32.50
CA ARG A 7 7.91 5.06 32.58
C ARG A 7 7.98 5.60 31.16
N ILE A 8 7.06 6.53 30.85
CA ILE A 8 6.91 7.06 29.52
C ILE A 8 7.02 8.58 29.49
N LEU A 9 7.81 9.07 28.54
CA LEU A 9 7.94 10.52 28.29
C LEU A 9 6.93 10.97 27.21
N VAL A 10 6.18 12.01 27.51
CA VAL A 10 5.16 12.55 26.62
C VAL A 10 5.52 13.98 26.20
N THR A 11 5.61 14.19 24.88
CA THR A 11 5.91 15.52 24.31
C THR A 11 4.63 16.15 23.73
N GLY A 12 4.67 17.46 23.48
CA GLY A 12 3.59 18.12 22.79
C GLY A 12 2.25 18.39 23.46
N VAL A 13 2.23 18.41 24.80
CA VAL A 13 1.01 18.77 25.51
C VAL A 13 0.99 20.29 25.54
N ALA A 14 0.00 20.90 24.90
CA ALA A 14 -0.05 22.35 24.88
C ALA A 14 -1.37 22.84 25.44
N SER A 15 -2.36 21.95 25.43
CA SER A 15 -3.68 22.24 25.93
C SER A 15 -4.32 20.92 26.23
N LYS A 16 -5.55 20.97 26.75
CA LYS A 16 -6.27 19.75 27.12
C LYS A 16 -7.02 19.20 25.92
N LEU A 17 -6.96 19.97 24.83
CA LEU A 17 -7.55 19.60 23.55
C LEU A 17 -6.54 18.81 22.72
N SER A 18 -5.25 19.03 23.01
CA SER A 18 -4.14 18.38 22.32
C SER A 18 -4.10 16.86 22.43
N ILE A 19 -3.89 16.23 21.29
CA ILE A 19 -3.84 14.80 21.20
C ILE A 19 -2.92 14.23 22.28
N ALA A 20 -1.80 14.92 22.56
CA ALA A 20 -0.92 14.40 23.58
C ALA A 20 -1.58 14.44 25.00
N TYR A 21 -2.48 15.38 25.25
CA TYR A 21 -3.13 15.42 26.56
C TYR A 21 -3.93 14.13 26.60
N GLY A 22 -4.65 13.89 25.51
CA GLY A 22 -5.49 12.71 25.38
C GLY A 22 -4.69 11.45 25.61
N ILE A 23 -3.49 11.42 25.07
CA ILE A 23 -2.67 10.25 25.21
C ILE A 23 -2.17 10.15 26.63
N ALA A 24 -1.75 11.28 27.19
CA ALA A 24 -1.23 11.26 28.56
C ALA A 24 -2.30 10.71 29.51
N GLN A 25 -3.52 11.17 29.35
CA GLN A 25 -4.62 10.73 30.21
C GLN A 25 -4.86 9.25 30.18
N ALA A 26 -4.82 8.76 28.97
CA ALA A 26 -5.19 7.34 28.82
C ALA A 26 -4.07 6.45 29.39
N MET A 27 -2.84 6.86 29.17
CA MET A 27 -1.69 6.08 29.65
C MET A 27 -1.65 6.09 31.18
N HIS A 28 -1.95 7.26 31.71
CA HIS A 28 -1.97 7.47 33.16
C HIS A 28 -3.06 6.59 33.79
N ARG A 29 -4.20 6.53 33.12
CA ARG A 29 -5.27 5.67 33.53
C ARG A 29 -4.86 4.18 33.59
N GLU A 30 -3.96 3.75 32.71
CA GLU A 30 -3.53 2.36 32.69
C GLU A 30 -2.31 2.07 33.54
N GLY A 31 -1.94 3.07 34.36
CA GLY A 31 -0.88 2.93 35.34
C GLY A 31 0.54 3.37 35.03
N ALA A 32 0.74 4.10 33.94
CA ALA A 32 2.11 4.50 33.59
C ALA A 32 2.54 5.63 34.46
N GLU A 33 3.85 5.76 34.67
CA GLU A 33 4.35 6.94 35.34
C GLU A 33 4.79 7.86 34.21
N LEU A 34 4.30 9.09 34.23
CA LEU A 34 4.58 10.06 33.20
C LEU A 34 5.59 11.17 33.56
N ALA A 35 6.14 11.75 32.49
CA ALA A 35 7.09 12.87 32.49
C ALA A 35 6.71 13.68 31.22
N PHE A 36 6.92 14.99 31.22
CA PHE A 36 6.48 15.85 30.09
C PHE A 36 7.51 16.85 29.64
N THR A 37 7.42 17.27 28.40
CA THR A 37 8.29 18.32 27.91
C THR A 37 7.40 19.43 27.48
N TYR A 38 7.96 20.62 27.43
CA TYR A 38 7.22 21.77 26.95
C TYR A 38 8.25 22.52 26.11
N GLN A 39 7.76 23.19 25.06
CA GLN A 39 8.61 23.84 24.07
C GLN A 39 9.27 25.13 24.53
N ASN A 40 8.44 26.02 25.06
CA ASN A 40 8.90 27.32 25.51
C ASN A 40 8.41 27.65 26.90
N ASP A 41 9.04 28.65 27.48
CA ASP A 41 8.72 29.04 28.82
C ASP A 41 7.31 29.50 29.02
N LYS A 42 6.69 29.89 27.92
CA LYS A 42 5.30 30.29 28.00
C LYS A 42 4.38 29.11 28.30
N LEU A 43 4.77 27.93 27.91
CA LEU A 43 3.90 26.83 28.13
C LEU A 43 4.04 26.22 29.54
N LYS A 44 5.22 26.42 30.12
CA LYS A 44 5.59 25.85 31.43
C LYS A 44 4.55 25.57 32.50
N GLY A 45 3.91 26.63 32.96
CA GLY A 45 2.95 26.52 34.05
C GLY A 45 1.70 25.69 33.76
N ARG A 46 1.27 25.69 32.52
CA ARG A 46 0.08 24.96 32.11
C ARG A 46 0.41 23.50 32.15
N VAL A 47 1.59 23.18 31.65
CA VAL A 47 2.04 21.83 31.63
C VAL A 47 2.25 21.30 33.03
N GLU A 48 2.97 22.07 33.84
CA GLU A 48 3.21 21.65 35.22
C GLU A 48 1.91 21.27 35.90
N GLU A 49 0.88 22.04 35.59
CA GLU A 49 -0.46 21.92 36.13
C GLU A 49 -1.13 20.60 35.71
N PHE A 50 -1.07 20.31 34.43
CA PHE A 50 -1.63 19.07 33.92
C PHE A 50 -0.88 17.90 34.48
N ALA A 51 0.44 17.99 34.44
CA ALA A 51 1.28 16.91 34.88
C ALA A 51 0.91 16.53 36.31
N ALA A 52 0.70 17.55 37.11
CA ALA A 52 0.37 17.38 38.51
C ALA A 52 -0.92 16.57 38.62
N GLN A 53 -1.92 16.90 37.81
CA GLN A 53 -3.14 16.12 37.82
C GLN A 53 -2.86 14.64 37.49
N LEU A 54 -1.75 14.37 36.80
CA LEU A 54 -1.46 13.00 36.35
C LEU A 54 -0.36 12.39 37.13
N GLY A 55 -0.27 12.83 38.37
CA GLY A 55 0.70 12.31 39.32
C GLY A 55 2.19 12.51 38.97
N SER A 56 2.50 13.53 38.17
CA SER A 56 3.89 13.75 37.76
C SER A 56 4.46 15.09 38.21
N ASP A 57 5.76 15.10 38.47
CA ASP A 57 6.40 16.35 38.74
C ASP A 57 7.61 16.54 37.83
N ILE A 58 7.68 15.68 36.79
CA ILE A 58 8.73 15.76 35.78
C ILE A 58 8.20 16.54 34.59
N VAL A 59 8.66 17.78 34.48
CA VAL A 59 8.23 18.71 33.45
C VAL A 59 9.47 19.45 32.95
N LEU A 60 9.97 19.01 31.81
CA LEU A 60 11.21 19.56 31.29
C LEU A 60 11.03 20.33 30.00
N GLN A 61 11.85 21.33 29.82
CA GLN A 61 11.73 22.12 28.62
C GLN A 61 12.53 21.46 27.49
N CYS A 62 12.03 21.59 26.26
CA CYS A 62 12.76 21.03 25.12
C CYS A 62 12.31 21.59 23.78
N ASP A 63 13.28 22.13 23.05
CA ASP A 63 13.04 22.56 21.68
C ASP A 63 13.76 21.62 20.77
N VAL A 64 12.96 20.82 20.04
CA VAL A 64 13.51 19.82 19.14
C VAL A 64 14.26 20.40 17.95
N ALA A 65 14.17 21.69 17.71
CA ALA A 65 14.95 22.28 16.64
C ALA A 65 16.44 22.34 17.03
N GLU A 66 16.72 22.22 18.34
CA GLU A 66 18.10 22.30 18.89
C GLU A 66 18.63 21.03 19.48
N ASP A 67 19.66 20.50 18.87
CA ASP A 67 20.25 19.30 19.37
C ASP A 67 20.59 19.42 20.83
N ALA A 68 21.10 20.58 21.20
CA ALA A 68 21.58 20.77 22.56
C ALA A 68 20.50 20.70 23.60
N SER A 69 19.33 21.24 23.25
CA SER A 69 18.16 21.27 24.12
C SER A 69 17.66 19.85 24.39
N ILE A 70 17.80 18.99 23.39
CA ILE A 70 17.37 17.62 23.49
C ILE A 70 18.28 16.90 24.47
N ASP A 71 19.57 17.05 24.24
CA ASP A 71 20.61 16.40 25.04
C ASP A 71 20.49 16.85 26.47
N THR A 72 20.25 18.13 26.64
CA THR A 72 20.13 18.68 27.99
C THR A 72 18.88 18.09 28.66
N MET A 73 17.78 18.02 27.93
CA MET A 73 16.55 17.47 28.47
C MET A 73 16.77 16.03 28.96
N PHE A 74 17.45 15.22 28.15
CA PHE A 74 17.61 13.85 28.57
C PHE A 74 18.58 13.68 29.73
N ALA A 75 19.43 14.68 29.90
CA ALA A 75 20.43 14.71 30.98
C ALA A 75 19.67 14.87 32.26
N GLU A 76 18.85 15.89 32.24
CA GLU A 76 18.01 16.20 33.35
C GLU A 76 17.13 15.03 33.63
N LEU A 77 16.47 14.52 32.60
CA LEU A 77 15.58 13.40 32.81
C LEU A 77 16.33 12.22 33.41
N GLY A 78 17.57 12.02 33.03
CA GLY A 78 18.36 10.90 33.52
C GLY A 78 18.59 10.95 35.03
N LYS A 79 18.35 12.11 35.61
CA LYS A 79 18.57 12.30 37.04
C LYS A 79 17.49 11.64 37.83
N VAL A 80 16.28 11.63 37.29
CA VAL A 80 15.15 10.97 37.93
C VAL A 80 14.92 9.58 37.35
N TRP A 81 15.06 9.46 36.04
CA TRP A 81 14.83 8.18 35.34
C TRP A 81 16.08 7.83 34.52
N PRO A 82 16.99 7.07 35.09
CA PRO A 82 18.23 6.70 34.39
C PRO A 82 17.90 5.71 33.30
N LYS A 83 16.77 5.06 33.46
CA LYS A 83 16.29 4.15 32.49
C LYS A 83 14.79 4.35 32.40
N PHE A 84 14.24 4.31 31.20
CA PHE A 84 12.81 4.42 31.01
C PHE A 84 12.31 3.57 29.86
N ASP A 85 11.03 3.62 29.59
CA ASP A 85 10.42 2.70 28.64
C ASP A 85 9.87 3.21 27.33
N GLY A 86 10.28 4.40 26.92
CA GLY A 86 9.86 4.94 25.63
C GLY A 86 9.26 6.32 25.71
N PHE A 87 8.93 6.86 24.54
CA PHE A 87 8.35 8.19 24.52
C PHE A 87 7.34 8.29 23.44
N VAL A 88 6.54 9.32 23.58
CA VAL A 88 5.53 9.61 22.65
C VAL A 88 5.90 10.94 22.00
N HIS A 89 6.07 10.90 20.67
CA HIS A 89 6.44 12.05 19.84
C HIS A 89 5.18 12.63 19.22
N SER A 90 4.80 13.83 19.63
CA SER A 90 3.56 14.40 19.17
C SER A 90 3.82 15.82 18.83
N ILE A 91 4.68 15.99 17.85
CA ILE A 91 5.13 17.30 17.46
C ILE A 91 5.19 17.44 15.98
N GLY A 92 4.67 18.52 15.47
CA GLY A 92 4.81 18.76 14.05
C GLY A 92 4.66 20.23 13.82
N PHE A 93 5.41 20.78 12.88
CA PHE A 93 5.26 22.19 12.61
C PHE A 93 5.67 22.52 11.20
N ALA A 94 4.96 23.48 10.61
CA ALA A 94 5.22 24.05 9.27
C ALA A 94 4.81 25.54 9.32
N PRO A 95 5.62 26.42 8.75
CA PRO A 95 5.23 27.82 8.70
C PRO A 95 3.88 27.85 8.04
N GLY A 96 2.95 28.56 8.68
CA GLY A 96 1.57 28.70 8.22
C GLY A 96 1.35 29.08 6.75
N ASP A 97 2.23 29.90 6.20
CA ASP A 97 2.12 30.32 4.78
C ASP A 97 2.24 29.10 3.87
N GLN A 98 2.85 28.05 4.40
CA GLN A 98 3.06 26.83 3.64
C GLN A 98 1.74 26.09 3.48
N LEU A 99 0.81 26.35 4.38
CA LEU A 99 -0.38 25.56 4.36
C LEU A 99 -1.59 26.17 3.80
N ASP A 100 -1.42 27.02 2.82
CA ASP A 100 -2.59 27.58 2.20
C ASP A 100 -2.41 27.75 0.70
N GLY A 101 -3.36 27.13 -0.03
CA GLY A 101 -3.43 27.20 -1.47
C GLY A 101 -2.67 26.10 -2.22
N ASP A 102 -2.46 26.38 -3.52
CA ASP A 102 -1.79 25.51 -4.47
C ASP A 102 -0.48 25.17 -3.85
N TYR A 103 -0.17 23.88 -3.80
CA TYR A 103 1.06 23.43 -3.16
C TYR A 103 2.32 23.95 -3.88
N VAL A 104 2.32 23.84 -5.21
CA VAL A 104 3.50 24.20 -5.99
C VAL A 104 3.83 25.66 -5.78
N ASN A 105 2.79 26.46 -5.65
CA ASN A 105 2.99 27.91 -5.43
C ASN A 105 3.42 28.29 -4.04
N ALA A 106 2.89 27.61 -3.04
CA ALA A 106 3.17 27.92 -1.64
C ALA A 106 4.48 27.38 -1.10
N VAL A 107 4.91 26.24 -1.62
CA VAL A 107 6.09 25.64 -1.07
C VAL A 107 7.38 26.43 -1.30
N THR A 108 8.21 26.49 -0.28
CA THR A 108 9.48 27.14 -0.42
C THR A 108 10.50 26.20 0.16
N ARG A 109 11.76 26.46 -0.16
CA ARG A 109 12.88 25.70 0.34
C ARG A 109 12.99 25.73 1.87
N GLU A 110 12.88 26.93 2.48
CA GLU A 110 12.97 27.08 3.95
C GLU A 110 11.77 26.42 4.64
N GLY A 111 10.56 26.64 4.09
CA GLY A 111 9.33 26.05 4.63
C GLY A 111 9.47 24.53 4.58
N PHE A 112 9.99 24.02 3.47
CA PHE A 112 10.18 22.60 3.31
C PHE A 112 11.19 22.06 4.34
N LYS A 113 12.28 22.78 4.51
CA LYS A 113 13.33 22.39 5.44
C LYS A 113 12.83 22.33 6.90
N ILE A 114 12.09 23.35 7.29
CA ILE A 114 11.53 23.43 8.63
C ILE A 114 10.50 22.35 8.90
N ALA A 115 9.53 22.24 8.01
CA ALA A 115 8.53 21.20 8.15
C ALA A 115 9.21 19.83 8.35
N HIS A 116 10.18 19.50 7.50
CA HIS A 116 10.83 18.18 7.61
C HIS A 116 11.62 18.02 8.88
N ASP A 117 12.34 19.08 9.23
CA ASP A 117 13.20 19.06 10.40
C ASP A 117 12.44 18.85 11.73
N ILE A 118 11.44 19.69 11.93
CA ILE A 118 10.63 19.62 13.14
C ILE A 118 9.70 18.43 13.18
N SER A 119 9.05 18.18 12.06
CA SER A 119 8.07 17.14 11.99
C SER A 119 8.59 15.73 11.79
N SER A 120 9.81 15.59 11.27
CA SER A 120 10.32 14.24 11.01
C SER A 120 11.64 13.93 11.68
N TYR A 121 12.60 14.80 11.47
CA TYR A 121 13.90 14.55 12.06
C TYR A 121 13.85 14.47 13.60
N SER A 122 13.06 15.34 14.23
CA SER A 122 12.99 15.37 15.69
C SER A 122 12.71 14.02 16.32
N PHE A 123 11.98 13.16 15.60
CA PHE A 123 11.66 11.85 16.11
C PHE A 123 12.91 10.99 16.32
N VAL A 124 13.73 10.89 15.29
CA VAL A 124 14.92 10.12 15.37
C VAL A 124 16.01 10.81 16.22
N ALA A 125 15.97 12.14 16.24
CA ALA A 125 16.92 12.89 17.04
C ALA A 125 16.72 12.53 18.51
N MET A 126 15.48 12.39 18.91
CA MET A 126 15.24 12.06 20.33
C MET A 126 15.67 10.65 20.61
N ALA A 127 15.41 9.76 19.67
CA ALA A 127 15.77 8.36 19.85
C ALA A 127 17.25 8.24 20.03
N LYS A 128 17.96 8.97 19.19
CA LYS A 128 19.41 8.93 19.17
C LYS A 128 19.99 9.36 20.52
N ALA A 129 19.43 10.43 21.07
CA ALA A 129 19.88 10.96 22.34
C ALA A 129 19.60 10.12 23.61
N CYS A 130 18.59 9.27 23.58
CA CYS A 130 18.22 8.51 24.77
C CYS A 130 18.38 7.04 24.57
N ARG A 131 18.93 6.69 23.44
CA ARG A 131 19.02 5.29 23.11
C ARG A 131 19.51 4.46 24.28
N SER A 132 20.51 4.94 24.99
CA SER A 132 21.10 4.10 25.98
C SER A 132 20.26 4.04 27.22
N MET A 133 19.31 4.95 27.34
CA MET A 133 18.45 4.93 28.52
C MET A 133 17.22 4.05 28.42
N LEU A 134 16.99 3.47 27.25
CA LEU A 134 15.81 2.65 27.07
C LEU A 134 15.92 1.23 27.57
N ASN A 135 14.87 0.77 28.23
CA ASN A 135 14.85 -0.60 28.69
C ASN A 135 14.45 -1.46 27.55
N PRO A 136 14.83 -2.71 27.66
CA PRO A 136 14.37 -3.69 26.72
C PRO A 136 12.85 -3.63 26.91
N GLY A 137 12.12 -3.71 25.81
CA GLY A 137 10.67 -3.71 25.92
C GLY A 137 10.10 -2.35 25.75
N SER A 138 10.97 -1.36 25.54
CA SER A 138 10.49 0.01 25.31
C SER A 138 9.74 0.12 23.99
N ALA A 139 9.00 1.21 23.87
CA ALA A 139 8.21 1.51 22.68
C ALA A 139 8.23 3.00 22.37
N LEU A 140 8.44 3.34 21.10
CA LEU A 140 8.41 4.73 20.69
C LEU A 140 7.19 4.89 19.79
N LEU A 141 6.54 6.03 19.92
CA LEU A 141 5.33 6.27 19.18
C LEU A 141 5.29 7.70 18.64
N THR A 142 4.86 7.83 17.39
CA THR A 142 4.68 9.13 16.77
C THR A 142 3.30 9.19 16.10
N LEU A 143 2.89 10.39 15.76
CA LEU A 143 1.62 10.60 15.17
C LEU A 143 1.70 11.11 13.74
N SER A 144 0.92 10.48 12.87
CA SER A 144 0.88 10.86 11.48
C SER A 144 -0.54 11.21 11.02
N TYR A 145 -0.70 11.42 9.72
CA TYR A 145 -1.95 11.86 9.15
C TYR A 145 -2.09 11.34 7.71
N LEU A 146 -3.32 11.06 7.25
CA LEU A 146 -3.54 10.48 5.92
C LEU A 146 -2.80 11.28 4.83
N GLY A 147 -2.54 12.56 5.11
CA GLY A 147 -1.85 13.44 4.19
C GLY A 147 -0.51 12.84 3.74
N ALA A 148 0.08 11.93 4.53
CA ALA A 148 1.37 11.31 4.12
C ALA A 148 1.15 10.35 2.97
N GLU A 149 -0.19 9.95 2.76
CA GLU A 149 -0.36 8.83 1.83
C GLU A 149 -1.12 9.29 0.57
N ARG A 150 -1.87 10.34 0.72
CA ARG A 150 -2.64 10.94 -0.38
C ARG A 150 -2.43 12.44 -0.40
N ALA A 151 -2.73 13.02 -1.53
CA ALA A 151 -2.61 14.46 -1.70
C ALA A 151 -3.90 15.13 -1.22
N ILE A 152 -3.75 15.87 -0.15
CA ILE A 152 -4.87 16.55 0.48
C ILE A 152 -4.69 18.08 0.34
N PRO A 153 -5.74 18.75 -0.13
CA PRO A 153 -5.67 20.18 -0.33
C PRO A 153 -5.17 20.86 0.93
N ASN A 154 -4.37 21.90 0.75
CA ASN A 154 -3.85 22.71 1.86
C ASN A 154 -2.91 22.06 2.82
N TYR A 155 -2.90 20.75 2.89
CA TYR A 155 -1.97 20.11 3.82
C TYR A 155 -0.55 20.33 3.30
N ASN A 156 -0.50 20.40 1.98
CA ASN A 156 0.71 20.72 1.27
C ASN A 156 1.99 20.10 1.79
N VAL A 157 2.97 20.98 2.33
CA VAL A 157 4.28 20.32 2.47
C VAL A 157 4.31 19.45 3.74
N MET A 158 3.28 19.54 4.57
CA MET A 158 3.22 18.71 5.79
C MET A 158 3.08 17.24 5.38
N GLY A 159 2.47 17.06 4.22
CA GLY A 159 2.22 15.73 3.64
C GLY A 159 3.56 15.02 3.39
N LEU A 160 4.49 15.79 2.80
CA LEU A 160 5.84 15.24 2.51
C LEU A 160 6.58 14.95 3.83
N ALA A 161 6.39 15.84 4.83
CA ALA A 161 7.03 15.65 6.13
C ALA A 161 6.50 14.40 6.89
N LYS A 162 5.19 14.16 6.82
CA LYS A 162 4.59 12.97 7.44
C LYS A 162 5.06 11.71 6.74
N ALA A 163 5.19 11.79 5.42
CA ALA A 163 5.69 10.65 4.64
C ALA A 163 7.15 10.33 5.03
N SER A 164 7.98 11.36 5.16
CA SER A 164 9.36 11.14 5.57
C SER A 164 9.29 10.50 7.00
N LEU A 165 8.37 11.01 7.81
CA LEU A 165 8.19 10.50 9.16
C LEU A 165 7.75 9.01 9.17
N GLU A 166 6.79 8.65 8.33
CA GLU A 166 6.41 7.25 8.36
C GLU A 166 7.54 6.37 7.92
N ALA A 167 8.42 6.87 7.06
CA ALA A 167 9.53 6.02 6.66
C ALA A 167 10.55 5.99 7.81
N ASN A 168 10.66 7.11 8.52
CA ASN A 168 11.54 7.20 9.68
C ASN A 168 11.17 6.08 10.66
N VAL A 169 9.85 5.86 10.82
CA VAL A 169 9.31 4.78 11.69
C VAL A 169 9.82 3.40 11.28
N ARG A 170 9.76 3.08 9.99
CA ARG A 170 10.27 1.79 9.52
C ARG A 170 11.80 1.62 9.72
N TYR A 171 12.57 2.66 9.40
CA TYR A 171 14.05 2.62 9.55
C TYR A 171 14.47 2.53 11.03
N MET A 172 13.77 3.25 11.89
CA MET A 172 14.03 3.18 13.33
C MET A 172 13.64 1.76 13.84
N ALA A 173 12.46 1.29 13.47
CA ALA A 173 12.01 -0.02 13.92
C ALA A 173 13.05 -1.09 13.57
N ASN A 174 13.62 -0.98 12.40
CA ASN A 174 14.57 -1.96 11.94
C ASN A 174 15.92 -1.84 12.62
N ALA A 175 16.32 -0.62 12.94
CA ALA A 175 17.62 -0.41 13.56
C ALA A 175 17.65 -0.78 15.03
N MET A 176 16.56 -0.43 15.74
CA MET A 176 16.40 -0.62 17.19
C MET A 176 15.75 -1.90 17.63
N GLY A 177 15.18 -2.63 16.68
CA GLY A 177 14.48 -3.86 17.00
C GLY A 177 15.37 -4.80 17.82
N PRO A 178 16.52 -5.09 17.29
CA PRO A 178 17.44 -6.03 17.92
C PRO A 178 17.83 -5.78 19.38
N GLU A 179 17.61 -4.56 19.87
CA GLU A 179 17.93 -4.28 21.28
C GLU A 179 16.64 -4.14 22.10
N GLY A 180 15.55 -4.59 21.52
CA GLY A 180 14.30 -4.65 22.23
C GLY A 180 13.43 -3.41 22.22
N VAL A 181 13.67 -2.53 21.27
CA VAL A 181 12.82 -1.36 21.16
C VAL A 181 11.91 -1.49 19.91
N ARG A 182 10.63 -1.14 20.10
CA ARG A 182 9.64 -1.16 19.03
C ARG A 182 9.30 0.29 18.71
N VAL A 183 8.95 0.55 17.45
CA VAL A 183 8.64 1.90 16.98
C VAL A 183 7.42 1.81 16.06
N ASN A 184 6.44 2.66 16.27
CA ASN A 184 5.26 2.61 15.43
C ASN A 184 4.66 4.00 15.34
N ALA A 185 3.63 4.14 14.52
CA ALA A 185 2.91 5.40 14.43
C ALA A 185 1.41 5.17 14.42
N ILE A 186 0.68 6.20 14.81
CA ILE A 186 -0.75 6.22 14.68
C ILE A 186 -1.05 7.30 13.63
N SER A 187 -1.85 6.95 12.62
CA SER A 187 -2.30 7.89 11.61
C SER A 187 -3.73 8.23 12.05
N ALA A 188 -3.86 9.36 12.74
CA ALA A 188 -5.13 9.80 13.29
C ALA A 188 -5.93 10.54 12.25
N GLY A 189 -7.24 10.35 12.31
CA GLY A 189 -8.18 11.04 11.41
C GLY A 189 -8.40 12.43 11.99
N PRO A 190 -9.11 13.28 11.28
CA PRO A 190 -9.38 14.65 11.76
C PRO A 190 -10.17 14.63 13.07
N ILE A 191 -9.76 15.49 13.99
CA ILE A 191 -10.37 15.52 15.31
C ILE A 191 -11.19 16.79 15.55
N ARG A 192 -12.51 16.61 15.77
CA ARG A 192 -13.45 17.74 15.92
C ARG A 192 -13.02 18.87 16.84
N THR A 193 -12.30 18.48 17.89
CA THR A 193 -11.78 19.36 18.94
C THR A 193 -10.34 19.87 18.67
N LEU A 194 -9.75 19.43 17.58
CA LEU A 194 -8.38 19.75 17.30
C LEU A 194 -8.23 20.47 15.98
N MET A 205 -16.71 20.65 6.60
CA MET A 205 -15.83 19.56 6.16
C MET A 205 -16.00 18.34 7.07
N LEU A 206 -15.75 18.54 8.36
CA LEU A 206 -15.92 17.45 9.33
C LEU A 206 -17.25 16.76 9.06
N ALA A 207 -18.25 17.56 8.58
CA ALA A 207 -19.55 16.94 8.38
C ALA A 207 -19.49 16.02 7.20
N HIS A 208 -18.64 16.35 6.25
CA HIS A 208 -18.56 15.48 5.14
C HIS A 208 -17.84 14.24 5.62
N CYS A 209 -16.82 14.51 6.42
CA CYS A 209 -16.04 13.47 7.02
C CYS A 209 -16.85 12.45 7.84
N GLU A 210 -17.75 12.95 8.70
CA GLU A 210 -18.57 12.07 9.54
C GLU A 210 -19.52 11.29 8.69
N ALA A 211 -20.06 11.99 7.70
CA ALA A 211 -21.00 11.41 6.74
C ALA A 211 -20.37 10.23 6.04
N VAL A 212 -19.08 10.33 5.75
CA VAL A 212 -18.44 9.29 4.98
C VAL A 212 -17.63 8.29 5.75
N THR A 213 -17.37 8.58 6.99
CA THR A 213 -16.65 7.58 7.77
C THR A 213 -17.59 6.40 8.11
N PRO A 214 -17.09 5.18 7.91
CA PRO A 214 -17.87 3.99 8.23
C PRO A 214 -18.55 4.09 9.62
N ILE A 215 -17.78 4.39 10.67
CA ILE A 215 -18.37 4.50 12.02
C ILE A 215 -19.18 5.75 12.20
N ARG A 216 -19.31 6.50 11.14
CA ARG A 216 -20.12 7.69 11.19
C ARG A 216 -19.91 8.66 12.32
N ARG A 217 -18.66 8.98 12.65
CA ARG A 217 -18.36 10.04 13.61
C ARG A 217 -16.88 10.25 13.45
N THR A 218 -16.37 11.37 13.92
CA THR A 218 -14.93 11.59 13.87
C THR A 218 -14.33 10.83 15.08
N VAL A 219 -13.07 10.42 15.02
CA VAL A 219 -12.44 9.80 16.17
C VAL A 219 -12.15 10.91 17.22
N THR A 220 -11.92 10.54 18.46
CA THR A 220 -11.66 11.51 19.52
C THR A 220 -10.27 11.33 20.07
N ILE A 221 -9.80 12.28 20.92
CA ILE A 221 -8.47 12.12 21.50
C ILE A 221 -8.44 10.95 22.47
N GLU A 222 -9.63 10.52 22.90
CA GLU A 222 -9.75 9.33 23.77
C GLU A 222 -9.51 8.13 22.89
N ASP A 223 -10.12 8.13 21.71
CA ASP A 223 -9.89 7.02 20.79
C ASP A 223 -8.38 6.91 20.56
N VAL A 224 -7.77 8.04 20.23
CA VAL A 224 -6.35 8.04 19.91
C VAL A 224 -5.51 7.61 21.11
N GLY A 225 -5.80 8.19 22.29
CA GLY A 225 -5.05 7.86 23.51
C GLY A 225 -5.02 6.38 23.88
N ASN A 226 -6.20 5.75 23.78
CA ASN A 226 -6.35 4.31 24.07
C ASN A 226 -5.52 3.49 23.12
N SER A 227 -5.41 3.96 21.88
CA SER A 227 -4.63 3.27 20.87
C SER A 227 -3.15 3.40 21.16
N ALA A 228 -2.75 4.64 21.46
CA ALA A 228 -1.37 4.98 21.85
C ALA A 228 -0.96 4.15 23.05
N ALA A 229 -1.87 4.10 24.05
CA ALA A 229 -1.59 3.34 25.26
C ALA A 229 -1.29 1.86 24.96
N PHE A 230 -2.11 1.25 24.12
CA PHE A 230 -1.91 -0.15 23.72
C PHE A 230 -0.57 -0.31 22.99
N LEU A 231 -0.30 0.62 22.05
CA LEU A 231 0.93 0.55 21.26
C LEU A 231 2.18 0.72 22.10
N CYS A 232 2.04 1.35 23.26
CA CYS A 232 3.21 1.57 24.09
C CYS A 232 3.35 0.53 25.15
N SER A 233 2.39 -0.38 25.17
CA SER A 233 2.41 -1.43 26.17
C SER A 233 2.91 -2.75 25.67
N ASP A 234 3.23 -3.61 26.60
CA ASP A 234 3.73 -4.90 26.25
C ASP A 234 2.60 -5.72 25.57
N LEU A 235 1.39 -5.26 25.63
CA LEU A 235 0.33 -5.99 24.96
C LEU A 235 0.59 -6.02 23.43
N SER A 236 1.32 -5.03 22.91
CA SER A 236 1.59 -4.91 21.45
C SER A 236 3.00 -5.34 21.06
N ALA A 237 3.55 -6.26 21.84
CA ALA A 237 4.89 -6.76 21.64
C ALA A 237 5.15 -7.33 20.24
N GLY A 238 4.12 -7.73 19.52
CA GLY A 238 4.33 -8.33 18.19
C GLY A 238 4.22 -7.33 17.03
N ILE A 239 3.98 -6.06 17.38
CA ILE A 239 3.83 -4.97 16.43
C ILE A 239 4.98 -3.94 16.48
N SER A 240 5.73 -3.85 15.40
CA SER A 240 6.76 -2.85 15.31
C SER A 240 6.87 -2.38 13.86
N GLY A 241 7.11 -1.10 13.66
CA GLY A 241 7.30 -0.54 12.33
C GLY A 241 6.02 -0.30 11.57
N GLU A 242 4.91 -0.30 12.30
CA GLU A 242 3.59 -0.15 11.71
C GLU A 242 3.00 1.26 11.80
N VAL A 243 2.16 1.60 10.82
CA VAL A 243 1.43 2.85 10.85
C VAL A 243 -0.01 2.38 10.96
N VAL A 244 -0.58 2.54 12.16
CA VAL A 244 -1.94 2.11 12.44
C VAL A 244 -2.92 3.25 12.25
N HIS A 245 -3.97 2.99 11.43
CA HIS A 245 -4.99 4.02 11.12
C HIS A 245 -6.10 4.04 12.17
N VAL A 246 -6.23 5.18 12.80
CA VAL A 246 -7.25 5.44 13.81
C VAL A 246 -8.07 6.60 13.28
N ASP A 247 -8.88 6.27 12.28
CA ASP A 247 -9.66 7.26 11.60
C ASP A 247 -11.04 6.67 11.33
N GLY A 248 -11.40 5.64 12.09
CA GLY A 248 -12.71 5.02 11.96
C GLY A 248 -13.01 4.40 10.59
N GLY A 249 -11.97 4.02 9.85
CA GLY A 249 -12.11 3.41 8.54
C GLY A 249 -12.22 4.43 7.40
N PHE A 250 -12.05 5.71 7.70
CA PHE A 250 -12.20 6.72 6.66
C PHE A 250 -11.37 6.41 5.45
N SER A 251 -10.12 6.05 5.68
CA SER A 251 -9.23 5.80 4.55
C SER A 251 -9.52 4.59 3.68
N ILE A 252 -10.29 3.62 4.15
CA ILE A 252 -10.49 2.41 3.34
C ILE A 252 -11.75 2.40 2.46
N ALA A 253 -12.45 3.53 2.43
CA ALA A 253 -13.69 3.66 1.67
C ALA A 253 -13.50 4.68 0.56
N ALA A 254 -14.30 4.56 -0.51
CA ALA A 254 -14.26 5.54 -1.61
C ALA A 254 -15.67 5.81 -2.21
N MET A 255 -15.87 7.00 -2.79
CA MET A 255 -17.14 7.35 -3.47
C MET A 255 -18.40 7.08 -2.65
N ASN A 256 -18.27 7.21 -1.34
CA ASN A 256 -19.34 7.04 -0.36
C ASN A 256 -20.27 8.27 -0.41
N GLU A 257 -19.85 9.26 -1.18
CA GLU A 257 -20.58 10.51 -1.30
C GLU A 257 -21.74 10.43 -2.31
N GLY B 1 8.52 8.23 -33.87
CA GLY B 1 8.39 7.58 -32.57
C GLY B 1 7.29 8.23 -31.77
N PHE B 2 6.99 7.65 -30.61
CA PHE B 2 5.93 8.19 -29.79
C PHE B 2 6.22 9.48 -29.02
N LEU B 3 7.44 10.00 -29.17
CA LEU B 3 7.83 11.25 -28.48
C LEU B 3 8.10 12.37 -29.49
N SER B 4 7.82 12.09 -30.74
CA SER B 4 8.07 13.10 -31.75
C SER B 4 7.38 14.44 -31.48
N GLY B 5 8.15 15.50 -31.48
CA GLY B 5 7.58 16.78 -31.26
C GLY B 5 7.52 17.15 -29.80
N LYS B 6 8.21 16.40 -28.96
CA LYS B 6 8.25 16.80 -27.56
C LYS B 6 9.61 17.35 -27.28
N ARG B 7 9.65 18.34 -26.42
CA ARG B 7 10.90 18.89 -25.92
C ARG B 7 10.98 18.56 -24.47
N ILE B 8 11.94 17.71 -24.13
CA ILE B 8 12.11 17.29 -22.76
C ILE B 8 13.49 17.67 -22.25
N LEU B 9 13.54 18.26 -21.07
CA LEU B 9 14.80 18.58 -20.40
C LEU B 9 15.21 17.38 -19.53
N VAL B 10 16.54 16.88 -19.77
CA VAL B 10 16.99 15.77 -18.92
C VAL B 10 18.09 16.24 -17.98
N THR B 11 17.94 15.85 -16.73
CA THR B 11 18.89 16.20 -15.67
C THR B 11 19.64 14.94 -15.21
N GLY B 12 20.73 15.21 -14.52
CA GLY B 12 21.62 14.18 -13.94
C GLY B 12 22.05 13.18 -15.01
N VAL B 13 22.67 13.60 -16.21
CA VAL B 13 23.50 12.72 -17.03
C VAL B 13 24.93 12.97 -16.61
N ALA B 14 25.61 11.97 -16.12
CA ALA B 14 26.97 12.26 -15.69
C ALA B 14 27.97 11.28 -16.26
N SER B 15 27.46 10.25 -16.89
CA SER B 15 28.29 9.21 -17.44
C SER B 15 27.37 8.47 -18.36
N LYS B 16 27.91 7.53 -19.11
CA LYS B 16 27.12 6.73 -20.00
C LYS B 16 26.40 5.57 -19.30
N LEU B 17 26.85 5.26 -18.09
CA LEU B 17 26.25 4.19 -17.29
C LEU B 17 25.00 4.70 -16.58
N SER B 18 24.96 6.01 -16.37
CA SER B 18 23.90 6.68 -15.64
C SER B 18 22.49 6.41 -16.12
N ILE B 19 21.59 6.23 -15.15
CA ILE B 19 20.21 5.93 -15.41
C ILE B 19 19.66 6.98 -16.35
N ALA B 20 20.04 8.22 -16.11
CA ALA B 20 19.56 9.31 -16.96
C ALA B 20 20.03 9.16 -18.42
N TYR B 21 21.22 8.59 -18.65
CA TYR B 21 21.69 8.43 -20.03
C TYR B 21 20.78 7.44 -20.75
N GLY B 22 20.45 6.34 -20.08
CA GLY B 22 19.53 5.38 -20.66
C GLY B 22 18.19 6.08 -20.95
N ILE B 23 17.73 6.94 -20.05
CA ILE B 23 16.48 7.65 -20.32
C ILE B 23 16.63 8.55 -21.53
N ALA B 24 17.67 9.37 -21.56
CA ALA B 24 17.87 10.27 -22.70
C ALA B 24 17.93 9.50 -24.04
N GLN B 25 18.66 8.40 -24.03
CA GLN B 25 18.79 7.58 -25.20
C GLN B 25 17.47 7.01 -25.75
N ALA B 26 16.61 6.51 -24.89
CA ALA B 26 15.37 5.95 -25.39
C ALA B 26 14.45 7.04 -25.90
N MET B 27 14.47 8.18 -25.23
CA MET B 27 13.58 9.27 -25.63
C MET B 27 14.00 9.80 -26.98
N HIS B 28 15.28 9.92 -27.11
CA HIS B 28 15.83 10.41 -28.31
C HIS B 28 15.40 9.43 -29.39
N ARG B 29 15.64 8.18 -29.14
CA ARG B 29 15.19 7.16 -30.06
C ARG B 29 13.69 7.28 -30.44
N GLU B 30 12.85 7.80 -29.53
CA GLU B 30 11.42 7.90 -29.82
C GLU B 30 11.01 9.24 -30.42
N GLY B 31 12.00 10.07 -30.71
CA GLY B 31 11.71 11.33 -31.40
C GLY B 31 11.74 12.60 -30.59
N ALA B 32 12.08 12.51 -29.33
CA ALA B 32 12.08 13.70 -28.53
C ALA B 32 13.30 14.52 -28.82
N GLU B 33 13.13 15.82 -28.66
CA GLU B 33 14.21 16.78 -28.74
C GLU B 33 14.63 17.03 -27.28
N LEU B 34 15.93 16.98 -27.02
CA LEU B 34 16.46 17.05 -25.67
C LEU B 34 17.30 18.26 -25.33
N ALA B 35 17.33 18.57 -24.04
CA ALA B 35 18.16 19.61 -23.47
C ALA B 35 18.76 18.96 -22.24
N PHE B 36 19.98 19.35 -21.87
CA PHE B 36 20.63 18.76 -20.70
C PHE B 36 21.16 19.78 -19.76
N THR B 37 21.20 19.42 -18.48
CA THR B 37 21.81 20.26 -17.46
C THR B 37 23.05 19.53 -16.89
N TYR B 38 23.90 20.26 -16.21
CA TYR B 38 25.03 19.61 -15.57
C TYR B 38 25.30 20.46 -14.36
N GLN B 39 25.72 19.77 -13.32
CA GLN B 39 25.85 20.31 -12.01
C GLN B 39 26.99 21.28 -11.78
N ASN B 40 28.19 20.86 -12.17
CA ASN B 40 29.37 21.67 -11.97
C ASN B 40 30.34 21.67 -13.13
N ASP B 41 31.14 22.73 -13.11
CA ASP B 41 32.20 23.00 -14.08
C ASP B 41 32.84 21.76 -14.66
N LYS B 42 33.12 20.84 -13.77
CA LYS B 42 33.75 19.59 -14.13
C LYS B 42 33.08 18.78 -15.24
N LEU B 43 31.77 18.60 -15.19
CA LEU B 43 31.08 17.75 -16.17
C LEU B 43 30.81 18.31 -17.56
N LYS B 44 30.71 19.63 -17.66
CA LYS B 44 30.41 20.31 -18.93
C LYS B 44 30.90 19.56 -20.17
N GLY B 45 32.18 19.22 -20.17
CA GLY B 45 32.79 18.55 -21.31
C GLY B 45 32.11 17.26 -21.74
N ARG B 46 32.00 16.31 -20.80
CA ARG B 46 31.42 15.00 -21.07
C ARG B 46 29.99 15.16 -21.53
N VAL B 47 29.25 15.94 -20.76
CA VAL B 47 27.84 16.20 -21.02
C VAL B 47 27.68 16.85 -22.40
N GLU B 48 28.54 17.81 -22.70
CA GLU B 48 28.50 18.46 -24.00
C GLU B 48 28.63 17.35 -25.06
N GLU B 49 29.48 16.38 -24.75
CA GLU B 49 29.73 15.24 -25.61
C GLU B 49 28.48 14.39 -25.84
N PHE B 50 27.92 13.86 -24.77
CA PHE B 50 26.71 13.04 -24.82
C PHE B 50 25.59 13.74 -25.53
N ALA B 51 25.38 15.01 -25.17
CA ALA B 51 24.31 15.78 -25.78
C ALA B 51 24.41 15.65 -27.29
N ALA B 52 25.60 16.00 -27.78
CA ALA B 52 25.89 15.98 -29.21
C ALA B 52 25.62 14.62 -29.83
N GLN B 53 25.88 13.57 -29.05
CA GLN B 53 25.63 12.22 -29.46
C GLN B 53 24.14 11.99 -29.65
N LEU B 54 23.34 12.82 -28.98
CA LEU B 54 21.89 12.68 -29.02
C LEU B 54 21.26 13.86 -29.67
N GLY B 55 22.02 14.45 -30.56
CA GLY B 55 21.59 15.58 -31.36
C GLY B 55 21.21 16.84 -30.63
N SER B 56 21.76 17.07 -29.45
CA SER B 56 21.39 18.28 -28.76
C SER B 56 22.53 19.25 -28.59
N ASP B 57 22.23 20.55 -28.68
CA ASP B 57 23.22 21.60 -28.39
C ASP B 57 22.83 22.40 -27.16
N ILE B 58 21.79 21.95 -26.46
CA ILE B 58 21.32 22.63 -25.26
C ILE B 58 21.83 21.95 -24.01
N VAL B 59 22.88 22.53 -23.43
CA VAL B 59 23.57 22.00 -22.27
C VAL B 59 23.77 23.17 -21.31
N LEU B 60 23.04 23.16 -20.21
CA LEU B 60 23.06 24.26 -19.27
C LEU B 60 23.46 23.81 -17.86
N GLN B 61 24.11 24.69 -17.12
CA GLN B 61 24.47 24.30 -15.78
C GLN B 61 23.29 24.50 -14.88
N CYS B 62 23.22 23.64 -13.87
CA CYS B 62 22.18 23.75 -12.86
C CYS B 62 22.59 23.05 -11.54
N ASP B 63 22.63 23.83 -10.46
CA ASP B 63 22.92 23.31 -9.14
C ASP B 63 21.62 23.52 -8.36
N VAL B 64 20.93 22.42 -8.12
CA VAL B 64 19.65 22.47 -7.47
C VAL B 64 19.72 22.94 -6.04
N ALA B 65 20.91 23.02 -5.48
CA ALA B 65 20.97 23.49 -4.09
C ALA B 65 20.67 24.94 -4.04
N GLU B 66 20.76 25.61 -5.18
CA GLU B 66 20.57 27.05 -5.19
C GLU B 66 19.38 27.52 -5.98
N ASP B 67 18.55 28.32 -5.35
CA ASP B 67 17.38 28.83 -6.04
C ASP B 67 17.72 29.60 -7.31
N ALA B 68 18.73 30.45 -7.24
CA ALA B 68 19.11 31.24 -8.41
C ALA B 68 19.61 30.43 -9.56
N SER B 69 20.39 29.38 -9.28
CA SER B 69 20.90 28.56 -10.35
C SER B 69 19.79 27.97 -11.21
N ILE B 70 18.68 27.61 -10.55
CA ILE B 70 17.54 26.98 -11.22
C ILE B 70 16.80 28.01 -12.05
N ASP B 71 16.56 29.17 -11.43
CA ASP B 71 15.86 30.27 -12.09
C ASP B 71 16.60 30.72 -13.36
N THR B 72 17.91 30.77 -13.22
CA THR B 72 18.81 31.24 -14.24
C THR B 72 18.85 30.25 -15.40
N MET B 73 18.90 28.97 -15.03
CA MET B 73 18.90 27.91 -16.00
C MET B 73 17.62 28.00 -16.83
N PHE B 74 16.47 28.14 -16.17
CA PHE B 74 15.21 28.19 -16.90
C PHE B 74 15.10 29.45 -17.78
N ALA B 75 15.71 30.53 -17.30
CA ALA B 75 15.77 31.79 -18.06
C ALA B 75 16.49 31.54 -19.39
N GLU B 76 17.64 30.86 -19.29
CA GLU B 76 18.47 30.48 -20.46
C GLU B 76 17.74 29.56 -21.41
N LEU B 77 17.17 28.50 -20.87
CA LEU B 77 16.49 27.54 -21.71
C LEU B 77 15.36 28.21 -22.49
N GLY B 78 14.74 29.19 -21.85
CA GLY B 78 13.59 29.89 -22.40
C GLY B 78 13.96 30.72 -23.61
N LYS B 79 15.24 31.02 -23.74
CA LYS B 79 15.72 31.78 -24.89
C LYS B 79 15.53 30.90 -26.08
N VAL B 80 15.75 29.60 -25.87
CA VAL B 80 15.70 28.57 -26.90
C VAL B 80 14.35 27.81 -26.98
N TRP B 81 13.81 27.45 -25.82
CA TRP B 81 12.54 26.72 -25.76
C TRP B 81 11.67 27.53 -24.86
N PRO B 82 10.96 28.51 -25.41
CA PRO B 82 10.08 29.36 -24.60
C PRO B 82 8.94 28.56 -23.89
N LYS B 83 8.47 27.49 -24.56
CA LYS B 83 7.49 26.53 -24.03
C LYS B 83 8.14 25.16 -24.23
N PHE B 84 7.93 24.23 -23.32
CA PHE B 84 8.44 22.86 -23.49
C PHE B 84 7.52 21.87 -22.83
N ASP B 85 8.07 20.03 -23.37
CA ASP B 85 6.94 19.87 -22.45
C ASP B 85 7.26 18.81 -21.42
N GLY B 86 8.06 19.19 -20.48
CA GLY B 86 8.35 18.28 -19.37
C GLY B 86 9.84 18.13 -19.10
N PHE B 87 10.12 17.62 -17.90
CA PHE B 87 11.49 17.39 -17.45
C PHE B 87 11.61 16.13 -16.57
N VAL B 88 12.75 15.48 -16.76
CA VAL B 88 13.13 14.25 -16.04
C VAL B 88 14.12 14.60 -14.93
N HIS B 89 13.69 14.29 -13.73
CA HIS B 89 14.44 14.57 -12.50
C HIS B 89 15.06 13.30 -11.94
N SER B 90 16.44 13.38 -12.14
CA SER B 90 17.21 12.20 -11.79
C SER B 90 18.35 12.66 -10.94
N ILE B 91 18.00 13.26 -9.82
CA ILE B 91 18.98 13.82 -8.93
C ILE B 91 18.74 13.34 -7.51
N GLY B 92 19.83 13.05 -6.80
CA GLY B 92 19.77 12.59 -5.42
C GLY B 92 21.16 12.60 -4.76
N PHE B 93 21.19 12.82 -3.46
CA PHE B 93 22.45 12.86 -2.77
C PHE B 93 22.28 12.88 -1.26
N ALA B 94 23.15 12.16 -0.56
CA ALA B 94 23.24 12.16 0.90
C ALA B 94 24.73 12.06 1.15
N PRO B 95 25.22 12.75 2.16
CA PRO B 95 26.64 12.64 2.50
C PRO B 95 26.93 11.17 2.78
N GLY B 96 28.03 10.66 2.22
CA GLY B 96 28.38 9.24 2.35
C GLY B 96 28.39 8.68 3.78
N ASP B 97 28.81 9.52 4.73
CA ASP B 97 28.85 9.03 6.08
C ASP B 97 27.45 8.58 6.52
N GLN B 98 26.43 9.25 6.03
CA GLN B 98 25.07 8.94 6.38
C GLN B 98 24.72 7.59 5.94
N LEU B 99 25.47 7.08 4.99
CA LEU B 99 25.06 5.86 4.36
C LEU B 99 25.75 4.57 4.76
N ASP B 100 26.32 4.57 5.93
CA ASP B 100 26.91 3.34 6.34
C ASP B 100 26.76 3.05 7.81
N GLY B 101 26.16 1.89 8.09
CA GLY B 101 25.97 1.41 9.46
C GLY B 101 24.55 1.58 9.98
N ASP B 102 24.42 1.43 11.29
CA ASP B 102 23.17 1.60 11.99
C ASP B 102 22.51 2.92 11.62
N TYR B 103 21.27 2.88 11.14
CA TYR B 103 20.63 4.10 10.72
C TYR B 103 20.59 5.16 11.80
N VAL B 104 20.19 4.75 13.00
CA VAL B 104 20.02 5.71 14.09
C VAL B 104 21.33 6.35 14.54
N ASN B 105 22.39 5.59 14.51
CA ASN B 105 23.68 6.13 14.89
C ASN B 105 24.24 7.01 13.79
N ALA B 106 23.98 6.64 12.54
CA ALA B 106 24.52 7.37 11.40
C ALA B 106 23.90 8.71 11.12
N VAL B 107 22.58 8.79 11.25
CA VAL B 107 21.87 10.00 10.89
C VAL B 107 22.26 11.22 11.69
N THR B 108 22.21 12.38 11.05
CA THR B 108 22.53 13.64 11.72
C THR B 108 21.55 14.67 11.19
N ARG B 109 21.36 15.75 11.91
CA ARG B 109 20.45 16.76 11.45
C ARG B 109 20.81 17.30 10.07
N GLU B 110 22.07 17.58 9.89
CA GLU B 110 22.58 18.13 8.64
C GLU B 110 22.52 17.13 7.48
N GLY B 111 22.89 15.88 7.75
CA GLY B 111 22.82 14.86 6.72
C GLY B 111 21.36 14.68 6.26
N PHE B 112 20.43 14.81 7.22
CA PHE B 112 19.00 14.69 6.97
C PHE B 112 18.50 15.84 6.08
N LYS B 113 18.87 17.05 6.46
CA LYS B 113 18.51 18.27 5.74
C LYS B 113 18.89 18.19 4.27
N ILE B 114 20.12 17.82 4.07
CA ILE B 114 20.72 17.80 2.76
C ILE B 114 20.09 16.77 1.90
N ALA B 115 20.02 15.57 2.43
CA ALA B 115 19.45 14.46 1.70
C ALA B 115 18.06 14.84 1.16
N HIS B 116 17.21 15.43 2.04
CA HIS B 116 15.85 15.82 1.69
C HIS B 116 15.83 17.02 0.77
N ASP B 117 16.79 17.92 0.97
CA ASP B 117 16.85 19.13 0.15
C ASP B 117 17.15 18.82 -1.33
N ILE B 118 18.22 18.08 -1.55
CA ILE B 118 18.66 17.73 -2.89
C ILE B 118 17.84 16.62 -3.50
N SER B 119 17.49 15.63 -2.69
CA SER B 119 16.74 14.51 -3.25
C SER B 119 15.25 14.66 -3.45
N SER B 120 14.61 15.53 -2.67
CA SER B 120 13.16 15.72 -2.79
C SER B 120 12.69 17.15 -3.11
N TYR B 121 13.16 18.16 -2.35
CA TYR B 121 12.69 19.50 -2.61
C TYR B 121 13.01 19.95 -4.06
N SER B 122 14.20 19.59 -4.52
CA SER B 122 14.71 19.96 -5.83
C SER B 122 13.71 19.67 -6.96
N PHE B 123 12.90 18.64 -6.79
CA PHE B 123 11.90 18.28 -7.79
C PHE B 123 10.81 19.30 -7.88
N VAL B 124 10.30 19.74 -6.74
CA VAL B 124 9.23 20.75 -6.80
C VAL B 124 9.86 22.11 -7.10
N ALA B 125 11.11 22.29 -6.71
CA ALA B 125 11.79 23.57 -7.00
C ALA B 125 11.82 23.80 -8.50
N MET B 126 12.24 22.80 -9.26
CA MET B 126 12.25 22.97 -10.71
C MET B 126 10.85 23.19 -11.29
N ALA B 127 9.88 22.46 -10.77
CA ALA B 127 8.53 22.57 -11.32
C ALA B 127 8.05 23.99 -11.10
N LYS B 128 8.41 24.51 -9.95
CA LYS B 128 7.95 25.79 -9.52
C LYS B 128 8.48 26.85 -10.46
N ALA B 129 9.73 26.65 -10.85
CA ALA B 129 10.41 27.57 -11.71
C ALA B 129 10.06 27.56 -13.20
N CYS B 130 9.51 26.48 -13.72
CA CYS B 130 9.24 26.43 -15.16
C CYS B 130 7.77 26.29 -15.42
N ARG B 131 7.01 26.39 -14.35
CA ARG B 131 5.58 26.17 -14.43
C ARG B 131 4.86 26.88 -15.58
N SER B 132 5.24 28.11 -15.81
CA SER B 132 4.66 28.94 -16.87
C SER B 132 5.15 28.50 -18.27
N MET B 133 6.26 27.76 -18.34
CA MET B 133 6.81 27.35 -19.64
C MET B 133 6.28 26.02 -20.11
N LEU B 134 5.53 25.36 -19.25
CA LEU B 134 5.04 24.03 -19.57
C LEU B 134 3.77 24.01 -20.45
N ASN B 135 3.89 23.26 -21.42
CA ASN B 135 2.77 23.12 -22.35
C ASN B 135 1.73 22.16 -21.84
N PRO B 136 0.45 22.37 -22.14
CA PRO B 136 -0.57 21.42 -21.78
C PRO B 136 -0.10 20.09 -22.32
N GLY B 137 -0.31 19.07 -21.51
CA GLY B 137 0.09 17.70 -21.86
C GLY B 137 1.57 17.48 -21.55
N SER B 138 2.23 18.35 -20.83
CA SER B 138 3.56 18.07 -20.32
C SER B 138 3.57 16.93 -19.28
N ALA B 139 4.73 16.35 -19.04
CA ALA B 139 4.84 15.30 -18.06
C ALA B 139 6.14 15.46 -17.27
N LEU B 140 6.08 15.34 -15.94
CA LEU B 140 7.29 15.39 -15.13
C LEU B 140 7.52 14.02 -14.56
N LEU B 141 8.78 13.63 -14.47
CA LEU B 141 9.10 12.31 -13.98
C LEU B 141 10.31 12.35 -13.06
N THR B 142 10.27 11.60 -11.95
CA THR B 142 11.43 11.50 -11.07
C THR B 142 11.75 10.02 -10.84
N LEU B 143 12.91 9.74 -10.24
CA LEU B 143 13.38 8.36 -10.01
C LEU B 143 13.38 8.04 -8.53
N SER B 144 12.91 6.86 -8.20
CA SER B 144 12.88 6.49 -6.82
C SER B 144 13.43 5.11 -6.60
N TYR B 145 13.23 4.61 -5.38
CA TYR B 145 13.78 3.31 -4.99
C TYR B 145 13.00 2.66 -3.85
N LEU B 146 13.02 1.34 -3.81
CA LEU B 146 12.27 0.55 -2.84
C LEU B 146 12.47 1.05 -1.38
N GLY B 147 13.67 1.53 -1.10
CA GLY B 147 13.99 2.02 0.24
C GLY B 147 12.98 3.03 0.75
N ALA B 148 12.16 3.59 -0.16
CA ALA B 148 11.16 4.59 0.22
C ALA B 148 10.02 3.89 0.95
N GLU B 149 9.78 2.64 0.58
CA GLU B 149 8.67 1.86 1.13
C GLU B 149 9.07 0.77 2.16
N ARG B 150 10.33 0.32 2.13
CA ARG B 150 10.82 -0.67 3.10
C ARG B 150 12.11 -0.20 3.71
N ALA B 151 12.41 -0.74 4.88
CA ALA B 151 13.66 -0.41 5.56
C ALA B 151 14.73 -1.25 4.93
N ILE B 152 15.71 -0.58 4.35
CA ILE B 152 16.82 -1.23 3.68
C ILE B 152 18.19 -0.90 4.34
N PRO B 153 18.93 -1.92 4.78
CA PRO B 153 20.24 -1.70 5.43
C PRO B 153 21.08 -0.73 4.66
N ASN B 154 21.63 0.23 5.39
CA ASN B 154 22.50 1.23 4.83
C ASN B 154 21.82 2.27 3.93
N TYR B 155 20.58 2.06 3.52
CA TYR B 155 19.97 3.06 2.62
C TYR B 155 19.69 4.27 3.45
N ASN B 156 19.48 3.97 4.72
CA ASN B 156 19.33 4.95 5.76
C ASN B 156 18.58 6.19 5.38
N VAL B 157 19.12 7.36 5.69
CA VAL B 157 18.37 8.56 5.42
C VAL B 157 17.84 8.77 4.00
N MET B 158 18.43 8.06 3.04
CA MET B 158 17.97 8.21 1.67
C MET B 158 16.60 7.61 1.54
N GLY B 159 16.32 6.59 2.37
CA GLY B 159 15.00 5.98 2.36
C GLY B 159 13.97 7.07 2.69
N LEU B 160 14.27 7.91 3.69
CA LEU B 160 13.34 9.00 4.09
C LEU B 160 13.20 10.09 3.02
N ALA B 161 14.28 10.37 2.30
CA ALA B 161 14.24 11.39 1.28
C ALA B 161 13.35 10.96 0.11
N LYS B 162 13.42 9.68 -0.23
CA LYS B 162 12.64 9.09 -1.34
C LYS B 162 11.16 8.97 -1.02
N ALA B 163 10.86 8.73 0.27
CA ALA B 163 9.46 8.69 0.71
C ALA B 163 8.84 10.10 0.50
N SER B 164 9.58 11.11 0.98
CA SER B 164 9.19 12.50 0.85
C SER B 164 8.96 12.79 -0.64
N LEU B 165 9.90 12.30 -1.45
CA LEU B 165 9.84 12.52 -2.89
C LEU B 165 8.58 11.89 -3.44
N GLU B 166 8.28 10.65 -3.02
CA GLU B 166 7.06 10.01 -3.52
C GLU B 166 5.81 10.76 -3.15
N ALA B 167 5.80 11.40 -1.99
CA ALA B 167 4.65 12.20 -1.59
C ALA B 167 4.57 13.43 -2.48
N ASN B 168 5.76 13.99 -2.78
CA ASN B 168 5.92 15.17 -3.63
C ASN B 168 5.23 14.90 -5.00
N VAL B 169 5.51 13.73 -5.54
CA VAL B 169 4.88 13.30 -6.79
C VAL B 169 3.37 13.41 -6.68
N ARG B 170 2.80 12.90 -5.60
CA ARG B 170 1.34 12.99 -5.40
C ARG B 170 0.87 14.44 -5.26
N TYR B 171 1.53 15.21 -4.40
CA TYR B 171 1.14 16.59 -4.21
C TYR B 171 1.28 17.43 -5.50
N MET B 172 2.35 17.18 -6.26
CA MET B 172 2.58 17.90 -7.50
C MET B 172 1.55 17.53 -8.56
N ALA B 173 1.23 16.25 -8.62
CA ALA B 173 0.25 15.74 -9.56
C ALA B 173 -1.13 16.33 -9.33
N ASN B 174 -1.47 16.49 -8.07
CA ASN B 174 -2.78 17.01 -7.73
C ASN B 174 -2.85 18.54 -7.98
N ALA B 175 -1.74 19.23 -7.73
CA ALA B 175 -1.70 20.68 -7.94
C ALA B 175 -1.65 21.08 -9.40
N MET B 176 -0.88 20.34 -10.22
CA MET B 176 -0.67 20.71 -11.62
C MET B 176 -1.58 20.05 -12.64
N GLY B 177 -2.30 19.04 -12.21
CA GLY B 177 -3.16 18.29 -13.10
C GLY B 177 -4.16 19.20 -13.82
N PRO B 178 -4.85 20.05 -13.06
CA PRO B 178 -5.85 20.89 -13.68
C PRO B 178 -5.34 21.69 -14.88
N GLU B 179 -4.06 22.02 -14.88
CA GLU B 179 -3.48 22.78 -15.98
C GLU B 179 -2.91 21.90 -17.08
N GLY B 180 -3.11 20.58 -16.99
CA GLY B 180 -2.60 19.69 -18.04
C GLY B 180 -1.23 19.06 -17.83
N VAL B 181 -0.70 19.14 -16.61
CA VAL B 181 0.60 18.51 -16.40
C VAL B 181 0.46 17.25 -15.57
N ARG B 182 1.18 16.20 -15.98
CA ARG B 182 1.19 14.93 -15.25
C ARG B 182 2.53 14.78 -14.54
N VAL B 183 2.52 14.08 -13.43
CA VAL B 183 3.73 13.89 -12.64
C VAL B 183 3.77 12.46 -12.13
N ASN B 184 4.83 11.73 -12.39
CA ASN B 184 4.90 10.38 -11.90
C ASN B 184 6.31 10.07 -11.50
N ALA B 185 6.52 8.85 -11.03
CA ALA B 185 7.87 8.40 -10.67
C ALA B 185 8.09 6.97 -11.06
N ILE B 186 9.36 6.63 -11.27
CA ILE B 186 9.71 5.26 -11.48
C ILE B 186 10.50 4.81 -10.27
N SER B 187 10.10 3.66 -9.68
CA SER B 187 10.88 3.10 -8.58
C SER B 187 11.69 1.97 -9.21
N ALA B 188 12.98 2.24 -9.46
CA ALA B 188 13.82 1.26 -10.15
C ALA B 188 14.52 0.31 -9.20
N GLY B 189 14.73 -0.93 -9.66
CA GLY B 189 15.42 -1.91 -8.83
C GLY B 189 16.91 -1.68 -9.02
N PRO B 190 17.74 -2.46 -8.32
CA PRO B 190 19.19 -2.36 -8.46
C PRO B 190 19.56 -2.62 -9.92
N ILE B 191 20.57 -1.91 -10.40
CA ILE B 191 21.06 -2.06 -11.76
C ILE B 191 22.53 -2.58 -11.71
N ARG B 192 22.83 -3.62 -12.47
CA ARG B 192 24.17 -4.24 -12.44
C ARG B 192 25.38 -3.33 -12.73
N THR B 193 25.37 -2.68 -13.90
CA THR B 193 26.48 -1.80 -14.35
C THR B 193 26.72 -0.63 -13.42
N LEU B 194 25.64 -0.23 -12.79
CA LEU B 194 25.53 0.91 -11.91
C LEU B 194 25.83 0.61 -10.44
N MET B 205 25.32 -9.81 -3.67
CA MET B 205 23.96 -9.24 -3.48
C MET B 205 23.12 -9.25 -4.73
N LEU B 206 23.75 -8.89 -5.84
CA LEU B 206 23.11 -8.82 -7.14
C LEU B 206 22.62 -10.20 -7.55
N ALA B 207 23.41 -11.23 -7.23
CA ALA B 207 23.00 -12.58 -7.56
C ALA B 207 21.86 -13.10 -6.68
N HIS B 208 21.67 -12.53 -5.45
CA HIS B 208 20.52 -12.89 -4.58
C HIS B 208 19.33 -12.21 -5.20
N CYS B 209 19.52 -10.94 -5.52
CA CYS B 209 18.47 -10.16 -6.10
C CYS B 209 18.00 -10.84 -7.36
N GLU B 210 18.92 -11.36 -8.12
CA GLU B 210 18.50 -12.02 -9.35
C GLU B 210 17.81 -13.35 -9.07
N ALA B 211 18.30 -14.09 -8.09
CA ALA B 211 17.72 -15.39 -7.83
C ALA B 211 16.30 -15.24 -7.34
N VAL B 212 15.98 -14.05 -6.84
CA VAL B 212 14.72 -13.80 -6.22
C VAL B 212 13.76 -12.98 -7.03
N THR B 213 14.24 -12.39 -8.12
CA THR B 213 13.37 -11.57 -8.97
C THR B 213 12.71 -12.51 -9.96
N PRO B 214 11.38 -12.40 -10.03
CA PRO B 214 10.53 -13.27 -10.87
C PRO B 214 11.07 -13.38 -12.26
N ILE B 215 11.45 -12.25 -12.83
CA ILE B 215 12.00 -12.29 -14.17
C ILE B 215 13.43 -12.80 -14.14
N ARG B 216 13.97 -13.01 -12.95
CA ARG B 216 15.28 -13.61 -12.81
C ARG B 216 16.50 -12.84 -13.37
N ARG B 217 16.55 -11.53 -13.27
CA ARG B 217 17.72 -10.79 -13.76
C ARG B 217 17.47 -9.42 -13.24
N THR B 218 18.47 -8.57 -13.24
CA THR B 218 18.18 -7.23 -12.78
C THR B 218 17.71 -6.46 -13.99
N VAL B 219 16.97 -5.39 -13.76
CA VAL B 219 16.52 -4.56 -14.87
C VAL B 219 17.72 -3.74 -15.33
N THR B 220 17.63 -3.26 -16.56
CA THR B 220 18.70 -2.49 -17.15
C THR B 220 18.31 -1.04 -17.31
N ILE B 221 19.29 -0.19 -17.63
CA ILE B 221 19.02 1.21 -17.84
C ILE B 221 18.14 1.42 -19.07
N GLU B 222 18.14 0.44 -19.95
CA GLU B 222 17.28 0.45 -21.16
C GLU B 222 15.81 0.24 -20.72
N ASP B 223 15.66 -0.74 -19.83
CA ASP B 223 14.41 -1.11 -19.24
C ASP B 223 13.85 0.15 -18.59
N VAL B 224 14.70 0.82 -17.82
CA VAL B 224 14.29 2.05 -17.18
C VAL B 224 14.00 3.17 -18.19
N GLY B 225 14.88 3.33 -19.15
CA GLY B 225 14.65 4.37 -20.13
C GLY B 225 13.38 4.14 -20.94
N ASN B 226 13.08 2.90 -21.26
CA ASN B 226 11.87 2.66 -22.04
C ASN B 226 10.62 3.01 -21.26
N SER B 227 10.58 2.64 -19.99
CA SER B 227 9.45 2.96 -19.17
C SER B 227 9.34 4.47 -19.00
N ALA B 228 10.49 5.12 -18.86
CA ALA B 228 10.47 6.57 -18.68
C ALA B 228 9.89 7.28 -19.91
N ALA B 229 10.29 6.83 -21.08
CA ALA B 229 9.82 7.45 -22.29
C ALA B 229 8.32 7.34 -22.39
N PHE B 230 7.82 6.15 -22.08
CA PHE B 230 6.37 5.93 -22.14
C PHE B 230 5.68 6.88 -21.21
N LEU B 231 6.18 6.95 -19.99
CA LEU B 231 5.56 7.81 -19.01
C LEU B 231 5.64 9.29 -19.37
N CYS B 232 6.52 9.66 -20.26
CA CYS B 232 6.58 11.07 -20.58
C CYS B 232 5.86 11.35 -21.89
N SER B 233 5.34 10.29 -22.48
CA SER B 233 4.62 10.41 -23.76
C SER B 233 3.11 10.53 -23.53
N ASP B 234 2.41 10.92 -24.58
CA ASP B 234 0.97 11.07 -24.44
C ASP B 234 0.30 9.69 -24.37
N LEU B 235 1.08 8.63 -24.58
CA LEU B 235 0.53 7.28 -24.53
C LEU B 235 0.05 7.03 -23.12
N SER B 236 0.62 7.77 -22.16
CA SER B 236 0.30 7.58 -20.76
C SER B 236 -0.54 8.73 -20.16
N ALA B 237 -1.41 9.32 -20.98
CA ALA B 237 -2.23 10.45 -20.61
C ALA B 237 -3.13 10.12 -19.45
N GLY B 238 -3.41 8.84 -19.27
CA GLY B 238 -4.32 8.46 -18.20
C GLY B 238 -3.61 8.23 -16.88
N ILE B 239 -2.29 8.40 -16.85
CA ILE B 239 -1.50 8.13 -15.64
C ILE B 239 -0.88 9.35 -15.03
N SER B 240 -1.22 9.61 -13.78
CA SER B 240 -0.61 10.71 -13.03
C SER B 240 -0.59 10.43 -11.52
N GLY B 241 0.45 10.90 -10.85
CA GLY B 241 0.62 10.71 -9.39
C GLY B 241 1.06 9.29 -9.05
N GLU B 242 1.51 8.56 -10.03
CA GLU B 242 1.83 7.18 -9.83
C GLU B 242 3.30 6.85 -9.62
N VAL B 243 3.60 5.83 -8.80
CA VAL B 243 5.00 5.39 -8.62
C VAL B 243 5.05 4.03 -9.28
N VAL B 244 5.64 3.93 -10.47
CA VAL B 244 5.65 2.66 -11.19
C VAL B 244 6.90 1.86 -10.86
N HIS B 245 6.73 0.61 -10.48
CA HIS B 245 7.86 -0.20 -10.11
C HIS B 245 8.44 -0.91 -11.31
N VAL B 246 9.69 -0.58 -11.60
CA VAL B 246 10.45 -1.20 -12.67
C VAL B 246 11.59 -1.93 -11.99
N ASP B 247 11.27 -3.08 -11.40
CA ASP B 247 12.25 -3.85 -10.67
C ASP B 247 12.05 -5.33 -10.94
N GLY B 248 11.40 -5.63 -12.04
CA GLY B 248 11.19 -7.01 -12.43
C GLY B 248 10.30 -7.81 -11.50
N GLY B 249 9.54 -7.13 -10.65
CA GLY B 249 8.63 -7.85 -9.74
C GLY B 249 9.28 -8.22 -8.39
N PHE B 250 10.50 -7.79 -8.19
CA PHE B 250 11.22 -8.04 -6.94
C PHE B 250 10.38 -7.71 -5.71
N SER B 251 9.73 -6.56 -5.71
CA SER B 251 9.01 -6.11 -4.58
C SER B 251 7.74 -6.83 -4.20
N ILE B 252 7.17 -7.59 -5.13
CA ILE B 252 5.92 -8.26 -4.81
C ILE B 252 6.08 -9.72 -4.43
N ALA B 253 7.32 -10.15 -4.29
CA ALA B 253 7.60 -11.52 -3.85
C ALA B 253 8.10 -11.51 -2.37
N ALA B 254 8.11 -12.66 -1.69
CA ALA B 254 8.65 -12.74 -0.33
C ALA B 254 8.97 -14.19 0.02
N MET B 255 10.12 -14.44 0.67
CA MET B 255 10.47 -15.79 1.11
C MET B 255 10.84 -16.72 -0.06
N ASN B 256 11.17 -16.14 -1.19
CA ASN B 256 11.54 -16.88 -2.39
C ASN B 256 12.84 -17.70 -2.17
N GLU B 257 12.83 -18.98 -2.58
CA GLU B 257 14.01 -19.86 -2.44
C GLU B 257 13.79 -21.29 -2.95
N GLY C 1 -11.16 -7.00 33.35
CA GLY C 1 -10.22 -6.51 32.36
C GLY C 1 -10.90 -5.60 31.35
N PHE C 2 -10.14 -5.21 30.32
CA PHE C 2 -10.72 -4.31 29.32
C PHE C 2 -11.79 -4.96 28.44
N LEU C 3 -12.00 -6.27 28.62
CA LEU C 3 -13.06 -6.97 27.88
C LEU C 3 -14.22 -7.34 28.81
N SER C 4 -14.12 -6.98 30.07
CA SER C 4 -15.20 -7.31 31.00
C SER C 4 -16.55 -6.81 30.49
N GLY C 5 -17.56 -7.67 30.46
CA GLY C 5 -18.87 -7.26 30.00
C GLY C 5 -19.17 -7.66 28.55
N LYS C 6 -18.15 -8.28 27.92
CA LYS C 6 -18.37 -8.66 26.52
C LYS C 6 -18.55 -10.18 26.40
N ARG C 7 -19.29 -10.51 25.37
CA ARG C 7 -19.59 -11.89 24.97
C ARG C 7 -19.07 -12.12 23.58
N ILE C 8 -18.02 -12.88 23.46
CA ILE C 8 -17.43 -13.11 22.16
C ILE C 8 -17.48 -14.61 21.79
N LEU C 9 -17.93 -14.79 20.52
CA LEU C 9 -17.87 -16.14 19.94
C LEU C 9 -16.51 -16.36 19.26
N VAL C 10 -15.81 -17.61 19.63
CA VAL C 10 -14.48 -17.94 19.07
C VAL C 10 -14.55 -19.21 18.23
N THR C 11 -14.08 -19.07 17.00
CA THR C 11 -14.06 -20.16 16.02
C THR C 11 -12.62 -20.61 15.73
N GLY C 12 -12.52 -21.86 15.29
CA GLY C 12 -11.25 -22.48 14.94
C GLY C 12 -10.37 -22.64 16.19
N VAL C 13 -10.79 -23.07 17.42
CA VAL C 13 -9.83 -23.61 18.39
C VAL C 13 -9.73 -25.08 18.09
N ALA C 14 -8.58 -25.57 17.69
CA ALA C 14 -8.50 -26.98 17.35
C ALA C 14 -7.47 -27.59 18.25
N SER C 15 -6.67 -26.72 18.85
CA SER C 15 -5.59 -27.16 19.69
C SER C 15 -5.21 -26.04 20.62
N LYS C 16 -4.24 -26.35 21.46
CA LYS C 16 -3.71 -25.45 22.45
C LYS C 16 -2.60 -24.61 21.79
N LEU C 17 -2.21 -25.05 20.59
CA LEU C 17 -1.21 -24.40 19.75
C LEU C 17 -1.90 -23.38 18.82
N SER C 18 -3.22 -23.55 18.65
CA SER C 18 -4.01 -22.69 17.81
C SER C 18 -3.83 -21.21 18.17
N ILE C 19 -3.90 -20.35 17.15
CA ILE C 19 -3.83 -18.91 17.32
C ILE C 19 -5.16 -18.60 18.00
N ALA C 20 -6.19 -19.34 17.58
CA ALA C 20 -7.50 -19.21 18.20
C ALA C 20 -7.43 -19.55 19.71
N TYR C 21 -6.55 -20.49 20.13
CA TYR C 21 -6.44 -20.78 21.57
C TYR C 21 -5.81 -19.55 22.24
N GLY C 22 -4.73 -19.01 21.66
CA GLY C 22 -4.06 -17.84 22.24
C GLY C 22 -5.02 -16.63 22.35
N ILE C 23 -5.91 -16.48 21.38
CA ILE C 23 -6.85 -15.36 21.44
C ILE C 23 -7.86 -15.51 22.59
N ALA C 24 -8.49 -16.66 22.66
CA ALA C 24 -9.48 -16.98 23.70
C ALA C 24 -8.87 -16.80 25.08
N GLN C 25 -7.69 -17.38 25.26
CA GLN C 25 -7.01 -17.26 26.53
C GLN C 25 -6.88 -15.78 26.90
N ALA C 26 -6.36 -14.97 25.98
CA ALA C 26 -6.14 -13.56 26.28
C ALA C 26 -7.45 -12.87 26.54
N MET C 27 -8.44 -13.21 25.75
CA MET C 27 -9.72 -12.56 25.88
C MET C 27 -10.28 -12.95 27.23
N HIS C 28 -10.11 -14.22 27.56
CA HIS C 28 -10.63 -14.69 28.82
C HIS C 28 -10.02 -13.88 29.93
N ARG C 29 -8.71 -13.83 29.91
CA ARG C 29 -7.94 -13.04 30.86
C ARG C 29 -8.41 -11.58 30.99
N GLU C 30 -8.91 -10.96 29.93
CA GLU C 30 -9.32 -9.55 29.98
C GLU C 30 -10.73 -9.43 30.41
N GLY C 31 -11.27 -10.60 30.73
CA GLY C 31 -12.59 -10.67 31.31
C GLY C 31 -13.73 -10.90 30.36
N ALA C 32 -13.47 -11.46 29.21
CA ALA C 32 -14.60 -11.68 28.34
C ALA C 32 -15.27 -13.01 28.66
N GLU C 33 -16.55 -13.09 28.27
CA GLU C 33 -17.34 -14.32 28.34
C GLU C 33 -17.23 -14.99 26.95
N LEU C 34 -16.80 -16.24 26.94
CA LEU C 34 -16.54 -16.95 25.71
C LEU C 34 -17.52 -18.05 25.34
N ALA C 35 -17.72 -18.20 24.03
CA ALA C 35 -18.50 -19.29 23.45
C ALA C 35 -17.56 -19.87 22.41
N PHE C 36 -17.79 -21.12 22.05
CA PHE C 36 -16.89 -21.80 21.14
C PHE C 36 -17.62 -22.55 20.07
N THR C 37 -16.96 -22.81 18.97
CA THR C 37 -17.57 -23.61 17.91
C THR C 37 -16.59 -24.68 17.54
N TYR C 38 -17.08 -25.72 16.89
CA TYR C 38 -16.17 -26.76 16.45
C TYR C 38 -16.69 -27.31 15.16
N GLN C 39 -15.76 -27.69 14.33
CA GLN C 39 -16.12 -28.14 13.02
C GLN C 39 -16.81 -29.46 13.01
N ASN C 40 -16.14 -30.49 13.51
CA ASN C 40 -16.73 -31.79 13.52
C ASN C 40 -16.55 -32.60 14.76
N ASP C 41 -17.28 -33.70 14.76
CA ASP C 41 -17.31 -34.65 15.85
C ASP C 41 -16.00 -34.88 16.57
N LYS C 42 -14.94 -35.16 15.83
CA LYS C 42 -13.66 -35.42 16.48
C LYS C 42 -13.19 -34.35 17.42
N LEU C 43 -13.45 -33.12 17.05
CA LEU C 43 -12.97 -31.99 17.84
C LEU C 43 -13.70 -31.82 19.15
N LYS C 44 -15.02 -31.96 19.07
CA LYS C 44 -15.88 -31.77 20.22
C LYS C 44 -15.14 -32.04 21.52
N GLY C 45 -14.45 -33.15 21.60
CA GLY C 45 -13.75 -33.60 22.80
C GLY C 45 -12.75 -32.57 23.24
N ARG C 46 -11.81 -32.29 22.34
CA ARG C 46 -10.75 -31.33 22.61
C ARG C 46 -11.38 -30.00 23.06
N VAL C 47 -12.22 -29.49 22.19
CA VAL C 47 -12.90 -28.22 22.36
C VAL C 47 -13.59 -28.08 23.72
N GLU C 48 -14.41 -29.08 24.05
CA GLU C 48 -15.14 -29.06 25.30
C GLU C 48 -14.18 -28.90 26.48
N GLU C 49 -12.96 -29.44 26.29
CA GLU C 49 -11.91 -29.38 27.30
C GLU C 49 -11.29 -27.97 27.49
N PHE C 50 -11.01 -27.30 26.38
CA PHE C 50 -10.41 -25.97 26.41
C PHE C 50 -11.39 -24.97 26.92
N ALA C 51 -12.63 -25.14 26.48
CA ALA C 51 -13.67 -24.25 26.89
C ALA C 51 -13.73 -24.28 28.43
N ALA C 52 -13.80 -25.50 28.98
CA ALA C 52 -13.88 -25.72 30.42
C ALA C 52 -12.75 -24.95 31.06
N GLN C 53 -11.59 -25.15 30.48
CA GLN C 53 -10.35 -24.51 30.83
C GLN C 53 -10.49 -22.97 30.87
N LEU C 54 -11.45 -22.45 30.15
CA LEU C 54 -11.61 -21.02 30.07
C LEU C 54 -12.96 -20.61 30.59
N GLY C 55 -13.53 -21.46 31.44
CA GLY C 55 -14.81 -21.16 32.07
C GLY C 55 -15.98 -21.00 31.12
N SER C 56 -16.08 -21.88 30.13
CA SER C 56 -17.22 -21.80 29.20
C SER C 56 -17.89 -23.13 29.07
N ASP C 57 -19.21 -23.06 29.01
CA ASP C 57 -20.02 -24.23 28.80
C ASP C 57 -20.62 -24.16 27.41
N ILE C 58 -20.18 -23.20 26.60
CA ILE C 58 -20.76 -23.04 25.28
C ILE C 58 -19.94 -23.59 24.17
N VAL C 59 -20.32 -24.77 23.70
CA VAL C 59 -19.64 -25.46 22.64
C VAL C 59 -20.65 -25.92 21.61
N LEU C 60 -20.64 -25.24 20.47
CA LEU C 60 -21.57 -25.52 19.38
C LEU C 60 -20.80 -25.96 18.13
N GLN C 61 -21.42 -26.84 17.33
CA GLN C 61 -20.81 -27.33 16.12
C GLN C 61 -21.16 -26.38 15.01
N CYS C 62 -20.21 -26.19 14.10
CA CYS C 62 -20.42 -25.32 12.96
C CYS C 62 -19.47 -25.60 11.84
N ASP C 63 -20.07 -25.98 10.72
CA ASP C 63 -19.40 -26.20 9.44
C ASP C 63 -19.83 -25.03 8.57
N VAL C 64 -18.90 -24.11 8.37
CA VAL C 64 -19.16 -22.90 7.59
C VAL C 64 -19.41 -23.20 6.14
N ALA C 65 -19.03 -24.41 5.70
CA ALA C 65 -19.29 -24.82 4.33
C ALA C 65 -20.79 -24.79 4.06
N GLU C 66 -21.61 -24.85 5.12
CA GLU C 66 -23.05 -24.91 4.94
C GLU C 66 -23.81 -23.76 5.55
N ASP C 67 -24.60 -23.06 4.75
CA ASP C 67 -25.37 -21.97 5.34
C ASP C 67 -26.27 -22.50 6.44
N ALA C 68 -26.71 -23.74 6.28
CA ALA C 68 -27.66 -24.36 7.23
C ALA C 68 -27.10 -24.43 8.62
N SER C 69 -25.89 -24.99 8.71
CA SER C 69 -25.16 -25.19 9.95
C SER C 69 -24.90 -23.87 10.63
N ILE C 70 -24.60 -22.84 9.85
CA ILE C 70 -24.35 -21.54 10.41
C ILE C 70 -25.63 -20.98 11.04
N ASP C 71 -26.72 -20.99 10.28
CA ASP C 71 -27.98 -20.46 10.80
C ASP C 71 -28.36 -21.12 12.11
N THR C 72 -28.22 -22.45 12.12
CA THR C 72 -28.56 -23.28 13.26
C THR C 72 -27.69 -22.92 14.45
N MET C 73 -26.38 -22.93 14.22
CA MET C 73 -25.44 -22.59 15.27
C MET C 73 -25.85 -21.30 15.96
N PHE C 74 -26.20 -20.29 15.18
CA PHE C 74 -26.59 -19.00 15.77
C PHE C 74 -27.94 -19.06 16.42
N ALA C 75 -28.77 -19.97 15.93
CA ALA C 75 -30.10 -20.11 16.50
C ALA C 75 -29.91 -20.61 17.92
N GLU C 76 -29.10 -21.65 18.02
CA GLU C 76 -28.79 -22.24 19.29
C GLU C 76 -28.09 -21.28 20.23
N LEU C 77 -27.20 -20.47 19.68
CA LEU C 77 -26.45 -19.56 20.53
C LEU C 77 -27.35 -18.49 21.10
N GLY C 78 -28.34 -18.07 20.31
CA GLY C 78 -29.27 -17.05 20.77
C GLY C 78 -30.11 -17.55 21.96
N LYS C 79 -30.02 -18.85 22.25
CA LYS C 79 -30.77 -19.42 23.38
C LYS C 79 -30.11 -18.91 24.65
N VAL C 80 -28.78 -19.05 24.74
CA VAL C 80 -28.01 -18.50 25.84
C VAL C 80 -27.66 -17.02 25.64
N TRP C 81 -27.24 -16.65 24.43
CA TRP C 81 -26.87 -15.26 24.13
C TRP C 81 -27.71 -14.74 23.03
N PRO C 82 -28.79 -14.11 23.41
CA PRO C 82 -29.72 -13.48 22.49
C PRO C 82 -29.08 -12.26 21.81
N LYS C 83 -28.10 -11.68 22.48
CA LYS C 83 -27.36 -10.56 21.94
C LYS C 83 -25.92 -10.86 22.34
N PHE C 84 -24.97 -10.42 21.54
CA PHE C 84 -23.60 -10.63 21.87
C PHE C 84 -22.70 -9.57 21.20
N ASP C 85 -21.42 -9.56 21.53
CA ASP C 85 -20.57 -8.50 21.09
C ASP C 85 -19.56 -8.73 19.98
N GLY C 86 -19.71 -9.79 19.19
CA GLY C 86 -18.82 -10.05 18.05
C GLY C 86 -18.22 -11.44 18.05
N PHE C 87 -17.42 -11.74 17.04
CA PHE C 87 -16.80 -13.02 16.97
C PHE C 87 -15.43 -12.90 16.37
N VAL C 88 -14.61 -13.91 16.58
CA VAL C 88 -13.28 -14.00 16.03
C VAL C 88 -13.33 -15.14 15.04
N HIS C 89 -12.95 -14.83 13.80
CA HIS C 89 -13.02 -15.79 12.69
C HIS C 89 -11.65 -16.32 12.39
N SER C 90 -11.36 -17.54 12.82
CA SER C 90 -10.02 -18.12 12.66
C SER C 90 -10.05 -19.41 11.87
N ILE C 91 -10.63 -19.30 10.70
CA ILE C 91 -10.89 -20.40 9.77
C ILE C 91 -10.26 -20.21 8.39
N GLY C 92 -9.55 -21.23 7.93
CA GLY C 92 -8.93 -21.24 6.63
C GLY C 92 -8.73 -22.68 6.17
N PHE C 93 -8.98 -22.92 4.89
CA PHE C 93 -8.75 -24.21 4.30
C PHE C 93 -8.56 -24.11 2.78
N ALA C 94 -7.69 -24.97 2.28
CA ALA C 94 -7.45 -25.20 0.87
C ALA C 94 -7.02 -26.66 0.82
N PRO C 95 -7.37 -27.40 -0.23
CA PRO C 95 -6.92 -28.79 -0.31
C PRO C 95 -5.37 -28.78 -0.29
N GLY C 96 -4.78 -29.85 0.22
CA GLY C 96 -3.32 -29.92 0.32
C GLY C 96 -2.59 -29.95 -1.02
N ASP C 97 -3.20 -30.57 -2.03
CA ASP C 97 -2.61 -30.65 -3.36
C ASP C 97 -2.33 -29.22 -3.91
N GLN C 98 -3.24 -28.31 -3.57
CA GLN C 98 -3.17 -26.89 -3.96
C GLN C 98 -1.93 -26.20 -3.45
N LEU C 99 -1.45 -26.62 -2.30
CA LEU C 99 -0.34 -25.95 -1.64
C LEU C 99 1.05 -26.44 -1.86
N ASP C 100 1.32 -27.09 -2.99
CA ASP C 100 2.67 -27.57 -3.22
C ASP C 100 3.21 -27.27 -4.63
N GLY C 101 4.35 -26.58 -4.67
CA GLY C 101 5.00 -26.21 -5.91
C GLY C 101 4.40 -25.02 -6.68
N ASP C 102 4.79 -24.97 -7.95
CA ASP C 102 4.43 -23.95 -8.90
C ASP C 102 2.97 -23.69 -8.81
N TYR C 103 2.65 -22.47 -8.48
CA TYR C 103 1.28 -22.12 -8.30
C TYR C 103 0.49 -22.38 -9.57
N VAL C 104 1.02 -22.00 -10.73
CA VAL C 104 0.23 -22.17 -11.94
C VAL C 104 -0.12 -23.64 -12.25
N ASN C 105 0.80 -24.55 -12.00
CA ASN C 105 0.53 -25.94 -12.23
C ASN C 105 -0.33 -26.56 -11.15
N ALA C 106 -0.23 -26.05 -9.93
CA ALA C 106 -1.00 -26.58 -8.79
C ALA C 106 -2.49 -26.18 -8.73
N VAL C 107 -2.78 -24.92 -8.98
CA VAL C 107 -4.15 -24.46 -8.85
C VAL C 107 -5.25 -25.23 -9.68
N THR C 108 -6.46 -25.33 -9.14
CA THR C 108 -7.52 -25.92 -9.93
C THR C 108 -8.74 -25.15 -9.64
N ARG C 109 -9.68 -25.23 -10.56
CA ARG C 109 -10.92 -24.50 -10.37
C ARG C 109 -11.59 -24.89 -9.06
N GLU C 110 -11.73 -26.19 -8.80
CA GLU C 110 -12.35 -26.61 -7.56
C GLU C 110 -11.55 -26.18 -6.34
N GLY C 111 -10.24 -26.37 -6.41
CA GLY C 111 -9.38 -26.02 -5.29
C GLY C 111 -9.48 -24.54 -4.99
N PHE C 112 -9.70 -23.74 -6.02
CA PHE C 112 -9.79 -22.28 -5.86
C PHE C 112 -11.14 -21.93 -5.26
N LYS C 113 -12.18 -22.63 -5.71
CA LYS C 113 -13.52 -22.43 -5.23
C LYS C 113 -13.59 -22.64 -3.70
N ILE C 114 -13.06 -23.78 -3.27
CA ILE C 114 -13.05 -24.19 -1.85
C ILE C 114 -12.32 -23.23 -0.95
N ALA C 115 -11.09 -22.92 -1.31
CA ALA C 115 -10.26 -21.98 -0.60
C ALA C 115 -10.95 -20.63 -0.39
N HIS C 116 -11.55 -20.07 -1.44
CA HIS C 116 -12.23 -18.80 -1.30
C HIS C 116 -13.51 -18.95 -0.45
N ASP C 117 -14.22 -20.04 -0.67
CA ASP C 117 -15.46 -20.31 0.04
C ASP C 117 -15.21 -20.39 1.57
N ILE C 118 -14.37 -21.35 1.97
CA ILE C 118 -14.04 -21.55 3.38
C ILE C 118 -13.24 -20.40 4.05
N SER C 119 -12.23 -19.88 3.33
CA SER C 119 -11.34 -18.87 3.90
C SER C 119 -11.81 -17.45 3.86
N SER C 120 -12.67 -17.11 2.89
CA SER C 120 -13.14 -15.76 2.77
C SER C 120 -14.63 -15.58 2.91
N TYR C 121 -15.42 -16.28 2.08
CA TYR C 121 -16.88 -16.11 2.16
C TYR C 121 -17.42 -16.42 3.58
N SER C 122 -16.86 -17.46 4.21
CA SER C 122 -17.33 -17.85 5.54
C SER C 122 -17.42 -16.68 6.50
N PHE C 123 -16.50 -15.73 6.35
CA PHE C 123 -16.45 -14.59 7.24
C PHE C 123 -17.69 -13.71 7.15
N VAL C 124 -18.04 -13.27 5.97
CA VAL C 124 -19.22 -12.45 5.81
C VAL C 124 -20.52 -13.32 5.99
N ALA C 125 -20.38 -14.63 5.72
CA ALA C 125 -21.50 -15.53 5.92
C ALA C 125 -21.93 -15.54 7.41
N MET C 126 -20.98 -15.61 8.32
CA MET C 126 -21.34 -15.55 9.74
C MET C 126 -21.92 -14.21 10.13
N ALA C 127 -21.40 -13.15 9.52
CA ALA C 127 -21.87 -11.82 9.92
C ALA C 127 -23.30 -11.67 9.50
N LYS C 128 -23.56 -12.16 8.33
CA LYS C 128 -24.86 -12.07 7.77
C LYS C 128 -25.90 -12.73 8.72
N ALA C 129 -25.50 -13.90 9.22
CA ALA C 129 -26.35 -14.70 10.09
C ALA C 129 -26.59 -14.15 11.50
N CYS C 130 -25.61 -13.48 12.08
CA CYS C 130 -25.81 -12.99 13.43
C CYS C 130 -25.98 -11.47 13.45
N ARG C 131 -26.12 -10.89 12.28
CA ARG C 131 -26.20 -9.45 12.18
C ARG C 131 -27.18 -8.87 13.19
N SER C 132 -28.32 -9.52 13.34
CA SER C 132 -29.35 -9.02 14.24
C SER C 132 -29.01 -9.14 15.71
N MET C 133 -28.12 -10.07 16.03
CA MET C 133 -27.72 -10.32 17.40
C MET C 133 -26.55 -9.49 17.91
N LEU C 134 -26.02 -8.64 17.07
CA LEU C 134 -24.87 -7.87 17.51
C LEU C 134 -25.26 -6.61 18.25
N ASN C 135 -24.63 -6.39 19.42
CA ASN C 135 -24.87 -5.15 20.19
C ASN C 135 -24.07 -4.02 19.51
N PRO C 136 -24.50 -2.79 19.68
CA PRO C 136 -23.73 -1.67 19.17
C PRO C 136 -22.42 -1.79 19.91
N GLY C 137 -21.33 -1.50 19.25
CA GLY C 137 -20.04 -1.62 19.91
C GLY C 137 -19.42 -2.97 19.65
N SER C 138 -20.08 -3.79 18.84
CA SER C 138 -19.51 -5.09 18.53
C SER C 138 -18.31 -4.96 17.62
N ALA C 139 -17.51 -6.02 17.61
CA ALA C 139 -16.30 -6.11 16.82
C ALA C 139 -16.12 -7.49 16.25
N LEU C 140 -15.82 -7.52 14.96
CA LEU C 140 -15.51 -8.75 14.26
C LEU C 140 -14.04 -8.71 13.92
N LEU C 141 -13.42 -9.87 13.96
CA LEU C 141 -12.03 -9.95 13.71
C LEU C 141 -11.76 -11.22 12.97
N THR C 142 -10.80 -11.14 12.06
CA THR C 142 -10.36 -12.29 11.30
C THR C 142 -8.86 -12.29 11.23
N LEU C 143 -8.31 -13.40 10.80
CA LEU C 143 -6.90 -13.61 10.77
C LEU C 143 -6.40 -13.70 9.35
N SER C 144 -5.33 -12.97 9.07
CA SER C 144 -4.75 -13.05 7.75
C SER C 144 -3.27 -13.37 7.76
N TYR C 145 -2.67 -13.25 6.58
CA TYR C 145 -1.26 -13.56 6.40
C TYR C 145 -0.62 -12.78 5.24
N LEU C 146 0.70 -12.62 5.33
CA LEU C 146 1.46 -11.87 4.32
C LEU C 146 1.23 -12.30 2.87
N GLY C 147 0.89 -13.58 2.67
CA GLY C 147 0.62 -14.15 1.37
C GLY C 147 -0.50 -13.39 0.67
N ALA C 148 -1.36 -12.67 1.40
CA ALA C 148 -2.40 -11.91 0.68
C ALA C 148 -1.77 -10.75 -0.12
N GLU C 149 -0.65 -10.24 0.39
CA GLU C 149 0.00 -9.06 -0.17
C GLU C 149 1.18 -9.33 -1.09
N ARG C 150 1.93 -10.40 -0.86
CA ARG C 150 3.08 -10.70 -1.68
C ARG C 150 3.00 -12.10 -2.16
N ALA C 151 3.73 -12.44 -3.20
CA ALA C 151 3.67 -13.79 -3.71
C ALA C 151 4.61 -14.63 -2.88
N ILE C 152 4.09 -15.63 -2.14
CA ILE C 152 4.93 -16.49 -1.31
C ILE C 152 4.95 -17.94 -1.83
N PRO C 153 6.12 -18.52 -2.01
CA PRO C 153 6.18 -19.89 -2.55
C PRO C 153 5.27 -20.86 -1.81
N ASN C 154 4.59 -21.70 -2.55
CA ASN C 154 3.74 -22.72 -1.98
C ASN C 154 2.53 -22.21 -1.22
N TYR C 155 2.44 -20.91 -0.95
CA TYR C 155 1.25 -20.42 -0.26
C TYR C 155 0.13 -20.50 -1.27
N ASN C 156 0.52 -20.27 -2.52
CA ASN C 156 -0.35 -20.40 -3.68
C ASN C 156 -1.77 -19.83 -3.55
N VAL C 157 -2.77 -20.65 -3.89
CA VAL C 157 -4.14 -20.12 -3.91
C VAL C 157 -4.66 -19.54 -2.59
N MET C 158 -4.01 -19.88 -1.49
CA MET C 158 -4.40 -19.34 -0.21
C MET C 158 -4.15 -17.83 -0.24
N GLY C 159 -3.10 -17.41 -0.95
CA GLY C 159 -2.79 -15.95 -1.04
C GLY C 159 -3.96 -15.17 -1.68
N LEU C 160 -4.60 -15.79 -2.68
CA LEU C 160 -5.70 -15.14 -3.35
C LEU C 160 -6.89 -15.11 -2.44
N ALA C 161 -7.11 -16.21 -1.72
CA ALA C 161 -8.25 -16.23 -0.79
C ALA C 161 -8.02 -15.22 0.35
N LYS C 162 -6.76 -15.05 0.80
CA LYS C 162 -6.52 -14.08 1.90
C LYS C 162 -6.70 -12.66 1.39
N ALA C 163 -6.43 -12.46 0.10
CA ALA C 163 -6.64 -11.14 -0.49
C ALA C 163 -8.13 -10.81 -0.52
N SER C 164 -8.91 -11.76 -0.94
CA SER C 164 -10.37 -11.62 -0.95
C SER C 164 -10.89 -11.26 0.45
N LEU C 165 -10.31 -11.93 1.43
CA LEU C 165 -10.63 -11.77 2.87
C LEU C 165 -10.41 -10.30 3.31
N GLU C 166 -9.23 -9.80 3.02
CA GLU C 166 -8.85 -8.43 3.41
C GLU C 166 -9.74 -7.40 2.74
N ALA C 167 -10.23 -7.72 1.59
CA ALA C 167 -11.19 -6.81 0.98
C ALA C 167 -12.55 -6.99 1.65
N ASN C 168 -12.82 -8.22 2.09
CA ASN C 168 -14.12 -8.51 2.71
C ASN C 168 -14.18 -7.65 3.93
N VAL C 169 -13.07 -7.65 4.65
CA VAL C 169 -12.94 -6.84 5.84
C VAL C 169 -13.30 -5.40 5.54
N ARG C 170 -12.81 -4.83 4.45
CA ARG C 170 -13.17 -3.45 4.16
C ARG C 170 -14.63 -3.22 3.82
N TYR C 171 -15.18 -4.12 3.01
CA TYR C 171 -16.56 -3.98 2.61
C TYR C 171 -17.48 -4.21 3.82
N MET C 172 -17.14 -5.18 4.65
CA MET C 172 -17.96 -5.45 5.82
C MET C 172 -17.91 -4.25 6.74
N ALA C 173 -16.72 -3.65 6.88
CA ALA C 173 -16.55 -2.48 7.77
C ALA C 173 -17.30 -1.27 7.27
N ASN C 174 -17.35 -1.13 5.97
CA ASN C 174 -18.03 0.00 5.45
C ASN C 174 -19.54 -0.19 5.58
N ALA C 175 -19.99 -1.43 5.46
CA ALA C 175 -21.44 -1.71 5.55
C ALA C 175 -21.99 -1.69 6.95
N MET C 176 -21.29 -2.33 7.86
CA MET C 176 -21.77 -2.50 9.22
C MET C 176 -21.39 -1.37 10.15
N GLY C 177 -20.47 -0.53 9.71
CA GLY C 177 -19.98 0.55 10.56
C GLY C 177 -21.12 1.43 11.07
N PRO C 178 -22.05 1.80 10.20
CA PRO C 178 -23.12 2.72 10.59
C PRO C 178 -24.07 2.20 11.68
N GLU C 179 -24.12 0.89 11.91
CA GLU C 179 -24.95 0.39 12.99
C GLU C 179 -24.11 0.01 14.23
N GLY C 180 -22.89 0.58 14.36
CA GLY C 180 -22.03 0.29 15.53
C GLY C 180 -21.10 -0.95 15.45
N VAL C 181 -20.91 -1.57 14.27
CA VAL C 181 -20.01 -2.73 14.23
C VAL C 181 -18.67 -2.39 13.59
N ARG C 182 -17.58 -2.90 14.13
CA ARG C 182 -16.27 -2.62 13.59
C ARG C 182 -15.78 -3.95 13.13
N VAL C 183 -14.98 -3.98 12.06
CA VAL C 183 -14.46 -5.24 11.49
C VAL C 183 -13.03 -5.01 11.12
N ASN C 184 -12.15 -5.90 11.54
CA ASN C 184 -10.74 -5.71 11.29
C ASN C 184 -10.09 -7.05 11.13
N ALA C 185 -8.83 -7.04 10.75
CA ALA C 185 -8.07 -8.26 10.60
C ALA C 185 -6.73 -8.05 11.18
N ILE C 186 -6.13 -9.18 11.54
CA ILE C 186 -4.78 -9.25 11.96
C ILE C 186 -4.04 -10.10 10.96
N SER C 187 -2.91 -9.58 10.49
CA SER C 187 -2.06 -10.32 9.60
C SER C 187 -0.87 -10.74 10.44
N ALA C 188 -0.90 -12.00 10.85
CA ALA C 188 0.08 -12.55 11.74
C ALA C 188 1.24 -13.15 11.00
N GLY C 189 2.42 -13.00 11.59
CA GLY C 189 3.61 -13.56 10.99
C GLY C 189 3.62 -15.06 11.29
N PRO C 190 4.53 -15.76 10.64
CA PRO C 190 4.68 -17.18 10.89
C PRO C 190 4.89 -17.44 12.41
N ILE C 191 4.29 -18.51 12.92
CA ILE C 191 4.43 -18.84 14.33
C ILE C 191 5.24 -20.13 14.51
N ARG C 192 6.38 -20.02 15.21
CA ARG C 192 7.33 -21.15 15.41
C ARG C 192 6.64 -22.48 15.74
N THR C 193 6.16 -22.57 16.97
CA THR C 193 5.42 -23.72 17.48
C THR C 193 4.64 -24.44 16.39
N LEU C 194 3.52 -23.80 16.06
CA LEU C 194 2.52 -24.23 15.10
C LEU C 194 3.03 -24.09 13.67
N MET C 205 14.26 -22.24 8.18
CA MET C 205 13.50 -21.07 7.71
C MET C 205 13.15 -20.09 8.82
N LEU C 206 12.48 -20.57 9.85
CA LEU C 206 12.05 -19.72 10.96
C LEU C 206 13.30 -19.09 11.47
N ALA C 207 14.40 -19.81 11.25
CA ALA C 207 15.71 -19.35 11.64
C ALA C 207 16.03 -18.12 10.79
N HIS C 208 15.62 -18.18 9.53
CA HIS C 208 15.79 -17.10 8.52
C HIS C 208 14.98 -15.92 9.00
N CYS C 209 13.68 -16.15 9.07
CA CYS C 209 12.71 -15.18 9.51
C CYS C 209 13.19 -14.42 10.75
N GLU C 210 13.56 -15.15 11.78
CA GLU C 210 13.99 -14.49 12.99
C GLU C 210 15.14 -13.53 12.71
N ALA C 211 16.13 -14.01 11.99
CA ALA C 211 17.28 -13.21 11.68
C ALA C 211 16.91 -11.92 11.00
N VAL C 212 15.84 -11.96 10.20
CA VAL C 212 15.42 -10.80 9.43
C VAL C 212 14.23 -10.03 9.95
N THR C 213 13.65 -10.51 11.05
CA THR C 213 12.52 -9.83 11.69
C THR C 213 13.13 -8.82 12.66
N PRO C 214 12.75 -7.58 12.48
CA PRO C 214 13.29 -6.48 13.27
C PRO C 214 13.37 -6.84 14.74
N ILE C 215 12.31 -7.45 15.27
CA ILE C 215 12.34 -7.81 16.68
C ILE C 215 13.16 -9.05 16.93
N ARG C 216 13.60 -9.66 15.84
CA ARG C 216 14.50 -10.79 15.90
C ARG C 216 13.95 -12.01 16.63
N ARG C 217 12.65 -12.22 16.51
CA ARG C 217 11.99 -13.38 17.11
C ARG C 217 10.70 -13.52 16.34
N THR C 218 10.16 -14.74 16.26
CA THR C 218 8.82 -14.88 15.68
C THR C 218 7.78 -14.53 16.73
N VAL C 219 6.64 -14.03 16.27
CA VAL C 219 5.56 -13.69 17.20
C VAL C 219 4.98 -15.00 17.74
N THR C 220 4.30 -14.84 18.86
CA THR C 220 3.71 -15.97 19.59
C THR C 220 2.19 -15.90 19.50
N ILE C 221 1.54 -17.00 19.96
CA ILE C 221 0.09 -16.91 20.01
C ILE C 221 -0.37 -15.91 21.03
N GLU C 222 0.49 -15.66 22.03
CA GLU C 222 0.16 -14.68 23.06
C GLU C 222 0.18 -13.24 22.49
N ASP C 223 1.16 -12.98 21.64
CA ASP C 223 1.29 -11.66 21.03
C ASP C 223 0.06 -11.43 20.22
N VAL C 224 -0.24 -12.40 19.36
CA VAL C 224 -1.42 -12.31 18.49
C VAL C 224 -2.68 -12.19 19.36
N GLY C 225 -2.77 -13.04 20.38
CA GLY C 225 -3.92 -13.02 21.25
C GLY C 225 -4.11 -11.65 21.93
N ASN C 226 -3.00 -11.05 22.36
CA ASN C 226 -3.08 -9.74 22.99
C ASN C 226 -3.64 -8.69 22.01
N SER C 227 -3.13 -8.66 20.76
CA SER C 227 -3.63 -7.71 19.74
C SER C 227 -5.13 -7.91 19.43
N ALA C 228 -5.52 -9.18 19.27
CA ALA C 228 -6.90 -9.55 19.02
C ALA C 228 -7.81 -9.03 20.12
N ALA C 229 -7.39 -9.22 21.37
CA ALA C 229 -8.23 -8.77 22.49
C ALA C 229 -8.42 -7.27 22.45
N PHE C 230 -7.32 -6.53 22.22
CA PHE C 230 -7.38 -5.10 22.12
C PHE C 230 -8.32 -4.75 20.98
N LEU C 231 -8.13 -5.42 19.86
CA LEU C 231 -8.96 -5.10 18.69
C LEU C 231 -10.43 -5.42 18.88
N CYS C 232 -10.75 -6.27 19.83
CA CYS C 232 -12.16 -6.57 20.03
C CYS C 232 -12.76 -5.79 21.14
N SER C 233 -11.96 -4.98 21.78
CA SER C 233 -12.44 -4.23 22.90
C SER C 233 -12.83 -2.85 22.47
N ASP C 234 -13.35 -2.10 23.41
CA ASP C 234 -13.80 -0.75 23.16
C ASP C 234 -12.66 0.24 23.13
N LEU C 235 -11.48 -0.23 23.54
CA LEU C 235 -10.27 0.58 23.51
C LEU C 235 -9.92 0.99 22.07
N SER C 236 -10.28 0.12 21.12
CA SER C 236 -10.01 0.31 19.69
C SER C 236 -11.24 0.76 18.92
N ALA C 237 -12.07 1.59 19.55
CA ALA C 237 -13.31 2.02 18.92
C ALA C 237 -13.07 2.92 17.74
N GLY C 238 -11.83 3.36 17.56
CA GLY C 238 -11.52 4.25 16.44
C GLY C 238 -10.93 3.47 15.25
N ILE C 239 -10.72 2.18 15.44
CA ILE C 239 -10.14 1.35 14.40
C ILE C 239 -11.16 0.44 13.78
N SER C 240 -11.30 0.55 12.47
CA SER C 240 -12.20 -0.28 11.73
C SER C 240 -11.76 -0.35 10.28
N GLY C 241 -11.94 -1.50 9.67
CA GLY C 241 -11.59 -1.69 8.27
C GLY C 241 -10.08 -1.86 8.11
N GLU C 242 -9.42 -2.14 9.19
CA GLU C 242 -7.99 -2.25 9.17
C GLU C 242 -7.37 -3.66 9.27
N VAL C 243 -6.24 -3.83 8.58
CA VAL C 243 -5.43 -5.05 8.64
C VAL C 243 -4.16 -4.66 9.38
N VAL C 244 -4.05 -5.11 10.61
CA VAL C 244 -2.92 -4.81 11.46
C VAL C 244 -1.90 -5.90 11.35
N HIS C 245 -0.64 -5.56 11.08
CA HIS C 245 0.38 -6.59 10.96
C HIS C 245 0.97 -6.88 12.31
N VAL C 246 0.98 -8.15 12.67
CA VAL C 246 1.54 -8.60 13.92
C VAL C 246 2.57 -9.67 13.55
N ASP C 247 3.68 -9.20 13.02
CA ASP C 247 4.73 -10.05 12.50
C ASP C 247 6.09 -9.51 12.92
N GLY C 248 6.10 -8.69 13.96
CA GLY C 248 7.38 -8.17 14.46
C GLY C 248 8.05 -7.21 13.49
N GLY C 249 7.31 -6.75 12.50
CA GLY C 249 7.83 -5.81 11.52
C GLY C 249 8.47 -6.48 10.31
N PHE C 250 8.41 -7.81 10.28
CA PHE C 250 8.97 -8.55 9.18
C PHE C 250 8.63 -7.90 7.84
N SER C 251 7.35 -7.56 7.65
CA SER C 251 6.89 -7.03 6.37
C SER C 251 7.49 -5.72 5.87
N ILE C 252 8.00 -4.89 6.78
CA ILE C 252 8.51 -3.61 6.38
C ILE C 252 10.02 -3.49 6.17
N ALA C 253 10.70 -4.63 6.25
CA ALA C 253 12.14 -4.66 6.01
C ALA C 253 12.41 -5.24 4.63
N ALA C 254 13.67 -5.18 4.18
CA ALA C 254 14.01 -5.72 2.87
C ALA C 254 15.53 -5.85 2.73
N MET C 255 16.00 -6.83 1.91
CA MET C 255 17.44 -7.04 1.67
C MET C 255 18.25 -6.99 2.96
N ASN C 256 17.74 -7.62 4.03
CA ASN C 256 18.35 -7.51 5.39
C ASN C 256 19.76 -8.04 5.75
N GLU C 257 20.58 -8.35 4.74
CA GLU C 257 21.97 -8.80 4.94
C GLU C 257 22.20 -9.41 6.34
N GLY D 1 5.03 -0.61 -35.46
CA GLY D 1 5.02 -0.01 -34.11
C GLY D 1 5.73 -0.92 -33.12
N PHE D 2 5.67 -0.53 -31.83
CA PHE D 2 6.38 -1.28 -30.79
C PHE D 2 5.81 -2.67 -30.44
N LEU D 3 4.77 -3.08 -31.15
CA LEU D 3 4.26 -4.44 -30.95
C LEU D 3 4.46 -5.28 -32.21
N SER D 4 4.99 -4.71 -33.28
CA SER D 4 5.18 -5.47 -34.51
C SER D 4 5.84 -6.79 -34.22
N GLY D 5 5.27 -7.86 -34.75
CA GLY D 5 5.88 -9.17 -34.58
C GLY D 5 5.30 -9.91 -33.40
N LYS D 6 4.39 -9.26 -32.71
CA LYS D 6 3.77 -9.86 -31.54
C LYS D 6 2.44 -10.42 -31.96
N ARG D 7 2.11 -11.58 -31.39
CA ARG D 7 0.82 -12.24 -31.56
C ARG D 7 0.10 -12.25 -30.21
N ILE D 8 -0.95 -11.42 -30.10
CA ILE D 8 -1.72 -11.25 -28.88
C ILE D 8 -3.17 -11.74 -28.96
N LEU D 9 -3.54 -12.64 -28.06
CA LEU D 9 -4.93 -13.08 -27.96
C LEU D 9 -5.67 -12.03 -27.12
N VAL D 10 -6.78 -11.52 -27.66
CA VAL D 10 -7.65 -10.53 -27.01
C VAL D 10 -9.05 -11.09 -26.72
N THR D 11 -9.42 -11.01 -25.71
CA THR D 11 -10.53 -11.52 -24.91
C THR D 11 -11.47 -10.37 -24.51
N GLY D 12 -12.76 -10.68 -24.47
CA GLY D 12 -13.78 -9.75 -23.94
C GLY D 12 -14.29 -8.64 -24.89
N VAL D 13 -14.03 -8.72 -26.19
CA VAL D 13 -14.58 -7.65 -27.08
C VAL D 13 -16.08 -7.87 -27.28
N ALA D 14 -16.91 -6.98 -26.74
CA ALA D 14 -18.34 -7.17 -26.85
C ALA D 14 -18.95 -6.10 -27.76
N SER D 15 -18.41 -4.88 -27.66
CA SER D 15 -18.81 -3.72 -28.44
C SER D 15 -17.58 -2.82 -28.63
N LYS D 16 -17.72 -1.74 -29.39
CA LYS D 16 -16.62 -0.80 -29.64
C LYS D 16 -16.50 0.18 -28.50
N LEU D 17 -17.40 -0.01 -27.54
CA LEU D 17 -17.48 0.79 -26.34
C LEU D 17 -16.73 0.02 -25.27
N SER D 18 -16.53 -1.27 -25.53
CA SER D 18 -15.86 -2.09 -24.57
C SER D 18 -14.36 -1.82 -24.44
N ILE D 19 -13.87 -1.85 -23.20
CA ILE D 19 -12.48 -1.54 -22.94
C ILE D 19 -11.56 -2.37 -23.84
N ALA D 20 -11.90 -3.64 -24.04
CA ALA D 20 -11.08 -4.51 -24.87
C ALA D 20 -10.99 -4.06 -26.34
N TYR D 21 -12.05 -3.44 -26.85
CA TYR D 21 -12.01 -2.94 -28.22
C TYR D 21 -10.90 -1.89 -28.24
N GLY D 22 -10.94 -0.97 -27.29
CA GLY D 22 -9.93 0.05 -27.21
C GLY D 22 -8.54 -0.53 -27.14
N ILE D 23 -8.39 -1.64 -26.39
CA ILE D 23 -7.09 -2.26 -26.24
C ILE D 23 -6.69 -2.87 -27.56
N ALA D 24 -7.63 -3.52 -28.21
CA ALA D 24 -7.32 -4.13 -29.50
C ALA D 24 -6.82 -3.11 -30.54
N GLN D 25 -7.52 -2.00 -30.65
CA GLN D 25 -7.19 -0.96 -31.61
C GLN D 25 -5.83 -0.40 -31.44
N ALA D 26 -5.54 -0.14 -30.18
CA ALA D 26 -4.22 0.46 -29.94
C ALA D 26 -3.12 -0.54 -30.27
N MET D 27 -3.34 -1.77 -29.87
CA MET D 27 -2.36 -2.85 -30.11
C MET D 27 -2.16 -3.05 -31.60
N HIS D 28 -3.26 -3.00 -32.32
CA HIS D 28 -3.23 -3.17 -33.76
C HIS D 28 -2.48 -2.00 -34.41
N ARG D 29 -2.72 -0.81 -33.87
CA ARG D 29 -2.08 0.39 -34.38
C ARG D 29 -0.60 0.28 -34.20
N GLU D 30 -0.18 -0.39 -33.14
CA GLU D 30 1.23 -0.53 -32.86
C GLU D 30 1.90 -1.71 -33.53
N GLY D 31 1.16 -2.45 -34.34
CA GLY D 31 1.76 -3.53 -35.13
C GLY D 31 1.51 -4.98 -34.76
N ALA D 32 0.62 -5.19 -33.81
CA ALA D 32 0.32 -6.53 -33.34
C ALA D 32 -0.63 -7.32 -34.27
N GLU D 33 -0.42 -8.65 -34.30
CA GLU D 33 -1.26 -9.59 -35.01
C GLU D 33 -2.21 -10.07 -33.91
N LEU D 34 -3.49 -9.95 -34.14
CA LEU D 34 -4.42 -10.23 -33.10
C LEU D 34 -5.30 -11.45 -33.31
N ALA D 35 -5.72 -12.06 -32.21
CA ALA D 35 -6.67 -13.18 -32.18
C ALA D 35 -7.79 -12.74 -31.23
N PHE D 36 -9.03 -13.21 -31.45
CA PHE D 36 -10.18 -12.83 -30.59
C PHE D 36 -10.95 -14.02 -30.07
N THR D 37 -11.60 -13.88 -28.93
CA THR D 37 -12.46 -14.96 -28.47
C THR D 37 -13.77 -14.30 -28.22
N TYR D 38 -14.82 -15.11 -28.20
CA TYR D 38 -16.14 -14.59 -27.92
C TYR D 38 -16.88 -15.60 -27.08
N GLN D 39 -17.67 -15.08 -26.16
CA GLN D 39 -18.37 -15.90 -25.18
C GLN D 39 -19.43 -16.84 -25.74
N ASN D 40 -20.39 -16.29 -26.51
CA ASN D 40 -21.49 -17.07 -27.05
C ASN D 40 -21.71 -16.82 -28.52
N ASP D 41 -22.55 -17.66 -29.12
CA ASP D 41 -22.86 -17.57 -30.54
C ASP D 41 -23.45 -16.25 -30.95
N LYS D 42 -24.23 -15.63 -30.05
CA LYS D 42 -24.85 -14.35 -30.30
C LYS D 42 -23.84 -13.23 -30.65
N LEU D 43 -22.67 -13.30 -30.05
CA LEU D 43 -21.60 -12.31 -30.24
C LEU D 43 -20.77 -12.50 -31.49
N LYS D 44 -20.70 -13.74 -31.95
CA LYS D 44 -19.81 -14.09 -33.03
C LYS D 44 -19.74 -13.14 -34.22
N GLY D 45 -20.87 -12.84 -34.82
CA GLY D 45 -20.86 -11.99 -36.00
C GLY D 45 -20.14 -10.70 -35.74
N ARG D 46 -20.52 -10.05 -34.66
CA ARG D 46 -19.99 -8.76 -34.28
C ARG D 46 -18.50 -8.88 -34.15
N VAL D 47 -18.06 -9.81 -33.32
CA VAL D 47 -16.64 -9.97 -33.10
C VAL D 47 -15.92 -10.14 -34.45
N GLU D 48 -16.44 -11.04 -35.28
CA GLU D 48 -15.88 -11.28 -36.61
C GLU D 48 -15.70 -9.99 -37.42
N GLU D 49 -16.62 -9.04 -37.30
CA GLU D 49 -16.54 -7.80 -38.07
C GLU D 49 -15.37 -6.99 -37.59
N PHE D 50 -15.32 -6.76 -36.28
CA PHE D 50 -14.27 -5.97 -35.69
C PHE D 50 -12.93 -6.60 -36.03
N ALA D 51 -12.83 -7.92 -35.88
CA ALA D 51 -11.56 -8.58 -36.11
C ALA D 51 -11.01 -8.28 -37.49
N ALA D 52 -11.88 -8.33 -38.49
CA ALA D 52 -11.47 -8.07 -39.87
C ALA D 52 -10.89 -6.69 -39.94
N GLN D 53 -11.65 -5.74 -39.41
CA GLN D 53 -11.23 -4.34 -39.38
C GLN D 53 -9.82 -4.28 -38.85
N LEU D 54 -9.52 -5.15 -37.91
CA LEU D 54 -8.23 -5.14 -37.29
C LEU D 54 -7.32 -6.13 -37.92
N GLY D 55 -7.67 -6.51 -39.13
CA GLY D 55 -6.84 -7.43 -39.90
C GLY D 55 -6.76 -8.87 -39.38
N SER D 56 -7.80 -9.33 -38.68
CA SER D 56 -7.81 -10.70 -38.15
C SER D 56 -8.94 -11.63 -38.63
N ASP D 57 -8.53 -12.89 -38.73
CA ASP D 57 -9.28 -14.04 -39.18
C ASP D 57 -9.59 -14.95 -38.00
N ILE D 58 -8.78 -14.78 -36.95
CA ILE D 58 -8.84 -15.63 -35.76
C ILE D 58 -9.88 -15.24 -34.72
N VAL D 59 -11.01 -15.91 -34.81
CA VAL D 59 -12.15 -15.64 -33.91
C VAL D 59 -12.65 -16.97 -33.34
N LEU D 60 -12.40 -17.18 -32.05
CA LEU D 60 -12.77 -18.41 -31.40
C LEU D 60 -13.72 -18.20 -30.26
N GLN D 61 -14.65 -19.11 -30.13
CA GLN D 61 -15.58 -19.00 -29.04
C GLN D 61 -14.93 -19.52 -27.78
N CYS D 62 -15.15 -18.83 -26.65
CA CYS D 62 -14.61 -19.31 -25.37
C CYS D 62 -15.45 -18.86 -24.18
N ASP D 63 -15.90 -19.85 -23.36
CA ASP D 63 -16.66 -19.60 -22.11
C ASP D 63 -15.71 -20.00 -20.99
N VAL D 64 -15.22 -19.01 -20.26
CA VAL D 64 -14.21 -19.27 -19.23
C VAL D 64 -14.73 -20.01 -18.01
N ALA D 65 -16.05 -20.11 -17.92
CA ALA D 65 -16.69 -20.86 -16.85
C ALA D 65 -16.42 -22.36 -17.02
N GLU D 66 -16.13 -22.80 -18.25
CA GLU D 66 -15.88 -24.23 -18.54
C GLU D 66 -14.44 -24.54 -18.98
N ASP D 67 -13.77 -25.41 -18.24
CA ASP D 67 -12.38 -25.76 -18.59
C ASP D 67 -12.22 -26.33 -20.01
N ALA D 68 -13.24 -27.02 -20.48
CA ALA D 68 -13.21 -27.69 -21.77
C ALA D 68 -13.11 -26.63 -22.83
N SER D 69 -14.02 -25.66 -22.73
CA SER D 69 -14.09 -24.56 -23.65
C SER D 69 -12.75 -23.91 -23.78
N ILE D 70 -12.07 -23.79 -22.65
CA ILE D 70 -10.79 -23.14 -22.64
C ILE D 70 -9.80 -23.99 -23.40
N ASP D 71 -9.68 -25.25 -23.01
CA ASP D 71 -8.76 -26.18 -23.67
C ASP D 71 -9.01 -26.27 -25.20
N THR D 72 -10.25 -26.36 -25.52
CA THR D 72 -10.66 -26.46 -26.94
C THR D 72 -10.10 -25.26 -27.72
N MET D 73 -10.50 -24.09 -27.26
CA MET D 73 -10.12 -22.81 -27.88
C MET D 73 -8.59 -22.72 -28.11
N PHE D 74 -7.82 -23.14 -27.13
CA PHE D 74 -6.34 -23.06 -27.28
C PHE D 74 -5.81 -24.18 -28.16
N ALA D 75 -6.56 -25.24 -28.37
CA ALA D 75 -6.19 -26.28 -29.31
C ALA D 75 -6.41 -25.73 -30.73
N GLU D 76 -7.57 -25.15 -30.94
CA GLU D 76 -7.84 -24.54 -32.20
C GLU D 76 -6.77 -23.48 -32.47
N LEU D 77 -6.59 -22.57 -31.52
CA LEU D 77 -5.61 -21.52 -31.72
C LEU D 77 -4.24 -22.03 -32.15
N GLY D 78 -3.78 -23.11 -31.54
CA GLY D 78 -2.45 -23.67 -31.85
C GLY D 78 -2.32 -24.13 -33.31
N LYS D 79 -3.44 -24.28 -33.99
CA LYS D 79 -3.43 -24.68 -35.38
C LYS D 79 -2.89 -23.50 -36.20
N VAL D 80 -3.20 -22.28 -35.78
CA VAL D 80 -2.74 -21.05 -36.46
C VAL D 80 -1.50 -20.46 -35.79
N TRP D 81 -1.53 -20.42 -34.46
CA TRP D 81 -0.44 -19.87 -33.66
C TRP D 81 -0.03 -20.92 -32.67
N PRO D 82 0.93 -21.71 -33.07
CA PRO D 82 1.47 -22.78 -32.27
C PRO D 82 2.25 -22.22 -31.10
N LYS D 83 2.71 -20.97 -31.26
CA LYS D 83 3.41 -20.19 -30.25
C LYS D 83 2.86 -18.80 -30.44
N PHE D 84 2.65 -18.09 -29.33
CA PHE D 84 2.18 -16.71 -29.39
C PHE D 84 2.76 -15.98 -28.18
N ASP D 85 2.46 -14.69 -28.06
CA ASP D 85 3.13 -13.84 -27.09
C ASP D 85 2.36 -13.25 -25.95
N GLY D 86 1.21 -13.84 -25.63
CA GLY D 86 0.43 -13.41 -24.51
C GLY D 86 -1.02 -13.18 -24.80
N PHE D 87 -1.73 -12.70 -23.79
CA PHE D 87 -3.11 -12.45 -23.96
C PHE D 87 -3.56 -11.39 -23.01
N VAL D 88 -4.69 -10.78 -23.37
CA VAL D 88 -5.35 -9.75 -22.59
C VAL D 88 -6.65 -10.39 -22.07
N HIS D 89 -6.82 -10.38 -20.74
CA HIS D 89 -7.98 -10.92 -20.04
C HIS D 89 -8.87 -9.76 -19.60
N SER D 90 -9.96 -9.55 -20.31
CA SER D 90 -10.85 -8.42 -20.03
C SER D 90 -12.23 -9.01 -19.76
N ILE D 91 -12.30 -9.81 -18.73
CA ILE D 91 -13.50 -10.51 -18.42
C ILE D 91 -13.85 -10.37 -16.96
N GLY D 92 -15.09 -10.00 -16.70
CA GLY D 92 -15.56 -9.91 -15.34
C GLY D 92 -17.07 -10.12 -15.30
N PHE D 93 -17.55 -10.71 -14.20
CA PHE D 93 -18.98 -10.91 -14.05
C PHE D 93 -19.36 -11.19 -12.63
N ALA D 94 -20.51 -10.66 -12.25
CA ALA D 94 -21.17 -10.95 -10.98
C ALA D 94 -22.66 -10.76 -11.24
N PRO D 95 -23.49 -11.64 -10.68
CA PRO D 95 -24.94 -11.54 -10.85
C PRO D 95 -25.38 -10.14 -10.44
N GLY D 96 -26.18 -9.50 -11.28
CA GLY D 96 -26.60 -8.13 -11.03
C GLY D 96 -27.23 -7.91 -9.67
N ASP D 97 -27.73 -8.99 -9.05
CA ASP D 97 -28.38 -8.84 -7.75
C ASP D 97 -27.35 -8.41 -6.74
N GLN D 98 -26.15 -8.96 -6.88
CA GLN D 98 -25.06 -8.71 -5.95
C GLN D 98 -24.60 -7.30 -5.97
N LEU D 99 -25.02 -6.58 -7.00
CA LEU D 99 -24.47 -5.26 -7.16
C LEU D 99 -25.31 -4.09 -6.81
N ASP D 100 -26.21 -4.29 -5.87
CA ASP D 100 -26.98 -3.17 -5.43
C ASP D 100 -27.35 -3.30 -3.97
N GLY D 101 -27.10 -2.22 -3.23
CA GLY D 101 -27.42 -2.14 -1.83
C GLY D 101 -26.34 -2.66 -0.89
N ASP D 102 -26.70 -2.68 0.38
CA ASP D 102 -25.85 -3.12 1.47
C ASP D 102 -25.17 -4.42 1.10
N TYR D 103 -23.86 -4.40 1.12
CA TYR D 103 -23.04 -5.54 0.78
C TYR D 103 -23.36 -6.77 1.58
N VAL D 104 -23.44 -6.61 2.89
CA VAL D 104 -23.65 -7.75 3.77
C VAL D 104 -24.98 -8.43 3.48
N ASN D 105 -25.98 -7.63 3.20
CA ASN D 105 -27.29 -8.12 2.86
C ASN D 105 -27.34 -8.73 1.47
N ALA D 106 -26.62 -8.13 0.52
CA ALA D 106 -26.63 -8.55 -0.89
C ALA D 106 -25.91 -9.83 -1.18
N VAL D 107 -24.79 -9.99 -0.53
CA VAL D 107 -23.95 -11.10 -0.83
C VAL D 107 -24.53 -12.50 -0.56
N THR D 108 -24.22 -13.43 -1.47
CA THR D 108 -24.60 -14.81 -1.30
C THR D 108 -23.45 -15.70 -1.66
N ARG D 109 -23.53 -16.92 -1.18
CA ARG D 109 -22.48 -17.86 -1.40
C ARG D 109 -22.28 -18.14 -2.86
N GLU D 110 -23.37 -18.13 -3.62
CA GLU D 110 -23.25 -18.50 -5.03
C GLU D 110 -22.77 -17.31 -5.84
N GLY D 111 -23.32 -16.15 -5.50
CA GLY D 111 -22.93 -14.90 -6.09
C GLY D 111 -21.43 -14.71 -5.82
N PHE D 112 -21.02 -15.03 -4.61
CA PHE D 112 -19.64 -14.92 -4.24
C PHE D 112 -18.81 -15.86 -5.09
N LYS D 113 -19.33 -17.05 -5.28
CA LYS D 113 -18.63 -18.08 -6.01
C LYS D 113 -18.36 -17.72 -7.45
N ILE D 114 -19.40 -17.27 -8.12
CA ILE D 114 -19.41 -16.96 -9.55
C ILE D 114 -18.52 -15.77 -9.90
N ALA D 115 -18.67 -14.70 -9.11
CA ALA D 115 -17.89 -13.49 -9.24
C ALA D 115 -16.44 -13.91 -9.18
N HIS D 116 -16.04 -14.61 -8.14
CA HIS D 116 -14.64 -15.04 -8.05
C HIS D 116 -14.17 -15.97 -9.16
N ASP D 117 -15.02 -16.90 -9.55
CA ASP D 117 -14.68 -17.90 -10.54
C ASP D 117 -14.46 -17.23 -11.90
N ILE D 118 -15.45 -16.45 -12.32
CA ILE D 118 -15.38 -15.76 -13.61
C ILE D 118 -14.37 -14.63 -13.60
N SER D 119 -14.43 -13.77 -12.59
CA SER D 119 -13.58 -12.60 -12.51
C SER D 119 -12.11 -12.80 -12.14
N SER D 120 -11.79 -13.88 -11.47
CA SER D 120 -10.42 -14.09 -11.08
C SER D 120 -9.81 -15.42 -11.51
N TYR D 121 -10.50 -16.53 -11.25
CA TYR D 121 -9.87 -17.80 -11.58
C TYR D 121 -9.60 -17.91 -13.09
N SER D 122 -10.55 -17.45 -13.90
CA SER D 122 -10.46 -17.57 -15.36
C SER D 122 -9.11 -17.12 -15.89
N PHE D 123 -8.54 -16.11 -15.21
CA PHE D 123 -7.26 -15.56 -15.60
C PHE D 123 -6.20 -16.65 -15.48
N VAL D 124 -6.10 -17.30 -14.33
CA VAL D 124 -5.09 -18.34 -14.20
C VAL D 124 -5.43 -19.64 -15.01
N ALA D 125 -6.72 -19.86 -15.22
CA ALA D 125 -7.17 -21.01 -16.01
C ALA D 125 -6.67 -20.87 -17.44
N MET D 126 -6.84 -19.68 -17.99
CA MET D 126 -6.34 -19.42 -19.31
C MET D 126 -4.84 -19.59 -19.34
N ALA D 127 -4.14 -19.05 -18.35
CA ALA D 127 -2.68 -19.14 -18.37
C ALA D 127 -2.22 -20.57 -18.26
N LYS D 128 -2.93 -21.33 -17.45
CA LYS D 128 -2.66 -22.75 -17.25
C LYS D 128 -2.73 -23.55 -18.59
N ALA D 129 -3.77 -23.28 -19.38
CA ALA D 129 -3.96 -23.96 -20.65
C ALA D 129 -3.01 -23.60 -21.80
N CYS D 130 -2.37 -22.42 -21.81
CA CYS D 130 -1.50 -22.09 -22.96
C CYS D 130 -0.05 -21.94 -22.59
N ARG D 131 0.28 -22.36 -21.37
CA ARG D 131 1.59 -22.18 -20.87
C ARG D 131 2.70 -22.60 -21.80
N SER D 132 2.57 -23.77 -22.41
CA SER D 132 3.62 -24.24 -23.32
C SER D 132 3.70 -23.57 -24.72
N MET D 133 2.66 -22.80 -25.07
CA MET D 133 2.55 -22.06 -26.33
C MET D 133 3.09 -20.63 -26.25
N LEU D 134 3.50 -20.21 -25.06
CA LEU D 134 3.90 -18.83 -24.90
C LEU D 134 5.37 -18.71 -25.17
N ASN D 135 5.71 -17.71 -25.85
CA ASN D 135 7.13 -17.46 -26.17
C ASN D 135 7.82 -16.73 -25.03
N PRO D 136 9.14 -16.91 -24.87
CA PRO D 136 9.86 -16.12 -23.91
C PRO D 136 9.58 -14.69 -24.26
N GLY D 137 9.41 -13.86 -23.26
CA GLY D 137 9.11 -12.43 -23.47
C GLY D 137 7.61 -12.23 -23.70
N SER D 138 6.76 -13.25 -23.49
CA SER D 138 5.33 -13.03 -23.57
C SER D 138 4.87 -12.19 -22.35
N ALA D 139 3.67 -11.61 -22.45
CA ALA D 139 3.08 -10.80 -21.38
C ALA D 139 1.60 -11.08 -21.27
N LEU D 140 1.11 -11.27 -20.05
CA LEU D 140 -0.34 -11.45 -19.80
C LEU D 140 -0.84 -10.23 -19.09
N LEU D 141 -2.08 -9.87 -19.34
CA LEU D 141 -2.56 -8.67 -18.75
C LEU D 141 -4.00 -8.81 -18.38
N THR D 142 -4.40 -8.33 -17.17
CA THR D 142 -5.83 -8.30 -16.85
C THR D 142 -6.25 -6.87 -16.46
N LEU D 143 -7.54 -6.69 -16.27
CA LEU D 143 -8.11 -5.37 -15.91
C LEU D 143 -8.76 -5.42 -14.54
N SER D 144 -8.40 -4.42 -13.75
CA SER D 144 -8.90 -4.32 -12.36
C SER D 144 -9.50 -2.93 -12.09
N TYR D 145 -9.89 -2.75 -10.78
CA TYR D 145 -10.61 -1.54 -10.37
C TYR D 145 -10.37 -1.15 -8.89
N LEU D 146 -10.46 0.15 -8.62
CA LEU D 146 -10.15 0.67 -7.30
C LEU D 146 -10.90 -0.13 -6.23
N GLY D 147 -12.08 -0.59 -6.61
CA GLY D 147 -12.93 -1.41 -5.78
C GLY D 147 -12.15 -2.57 -5.15
N ALA D 148 -11.03 -3.00 -5.74
CA ALA D 148 -10.26 -4.08 -5.08
C ALA D 148 -9.55 -3.58 -3.82
N GLU D 149 -9.29 -2.28 -3.77
CA GLU D 149 -8.47 -1.70 -2.70
C GLU D 149 -9.23 -1.00 -1.64
N ARG D 150 -10.34 -0.41 -2.03
CA ARG D 150 -11.15 0.39 -1.12
C ARG D 150 -12.56 -0.12 -1.23
N ALA D 151 -13.35 0.11 -0.18
CA ALA D 151 -14.75 -0.28 -0.19
C ALA D 151 -15.54 0.79 -0.94
N ILE D 152 -16.24 0.38 -1.98
CA ILE D 152 -17.01 1.28 -2.80
C ILE D 152 -18.48 0.83 -2.80
N PRO D 153 -19.39 1.73 -2.45
CA PRO D 153 -20.80 1.40 -2.41
C PRO D 153 -21.24 0.65 -3.68
N ASN D 154 -22.01 -0.40 -3.49
CA ASN D 154 -22.57 -1.17 -4.60
C ASN D 154 -21.65 -2.07 -5.37
N TYR D 155 -20.34 -1.80 -5.36
CA TYR D 155 -19.40 -2.67 -6.08
C TYR D 155 -19.38 -4.02 -5.39
N ASN D 156 -19.57 -3.96 -4.08
CA ASN D 156 -19.74 -5.13 -3.26
C ASN D 156 -18.82 -6.29 -3.58
N VAL D 157 -19.42 -7.44 -3.92
CA VAL D 157 -18.61 -8.64 -4.14
C VAL D 157 -17.59 -8.59 -5.26
N MET D 158 -17.82 -7.70 -6.23
CA MET D 158 -16.88 -7.57 -7.32
C MET D 158 -15.58 -7.10 -6.69
N GLY D 159 -15.70 -6.23 -5.70
CA GLY D 159 -14.52 -5.73 -5.03
C GLY D 159 -13.62 -6.87 -4.55
N LEU D 160 -14.25 -7.84 -3.90
CA LEU D 160 -13.54 -8.99 -3.39
C LEU D 160 -12.94 -9.81 -4.52
N ALA D 161 -13.71 -9.95 -5.61
CA ALA D 161 -13.22 -10.70 -6.78
C ALA D 161 -11.95 -10.03 -7.37
N LYS D 162 -12.01 -8.70 -7.53
CA LYS D 162 -10.87 -7.90 -8.04
C LYS D 162 -9.65 -8.02 -7.13
N ALA D 163 -9.87 -8.02 -5.82
CA ALA D 163 -8.74 -8.20 -4.87
C ALA D 163 -8.07 -9.59 -5.08
N SER D 164 -8.85 -10.56 -5.29
CA SER D 164 -8.36 -11.92 -5.57
C SER D 164 -7.53 -11.93 -6.87
N LEU D 165 -8.03 -11.18 -7.84
CA LEU D 165 -7.40 -11.03 -9.19
C LEU D 165 -6.00 -10.41 -9.07
N GLU D 166 -5.94 -9.29 -8.36
CA GLU D 166 -4.68 -8.55 -8.20
C GLU D 166 -3.67 -9.39 -7.43
N ALA D 167 -4.13 -10.26 -6.55
CA ALA D 167 -3.21 -11.24 -5.94
C ALA D 167 -2.82 -12.34 -6.95
N ASN D 168 -3.76 -12.73 -7.81
CA ASN D 168 -3.50 -13.74 -8.87
C ASN D 168 -2.34 -13.22 -9.74
N VAL D 169 -2.42 -11.96 -10.11
CA VAL D 169 -1.34 -11.33 -10.88
C VAL D 169 0.02 -11.58 -10.20
N ARG D 170 0.15 -11.21 -8.92
CA ARG D 170 1.44 -11.40 -8.24
C ARG D 170 1.92 -12.86 -8.21
N TYR D 171 1.00 -13.79 -7.91
CA TYR D 171 1.32 -15.22 -7.87
C TYR D 171 1.63 -15.74 -9.28
N MET D 172 0.96 -15.22 -10.29
CA MET D 172 1.30 -15.67 -11.63
C MET D 172 2.70 -15.11 -12.08
N ALA D 173 2.93 -13.81 -11.83
CA ALA D 173 4.24 -13.21 -12.15
C ALA D 173 5.34 -13.98 -11.46
N ASN D 174 5.12 -14.36 -10.22
CA ASN D 174 6.17 -15.09 -9.53
C ASN D 174 6.43 -16.46 -10.14
N ALA D 175 5.37 -17.18 -10.50
CA ALA D 175 5.51 -18.54 -11.03
C ALA D 175 6.00 -18.58 -12.47
N MET D 176 5.54 -17.63 -13.26
CA MET D 176 5.84 -17.64 -14.67
C MET D 176 7.02 -16.84 -15.11
N GLY D 177 7.57 -16.04 -14.23
CA GLY D 177 8.67 -15.18 -14.60
C GLY D 177 9.88 -15.95 -15.05
N PRO D 178 10.19 -17.04 -14.38
CA PRO D 178 11.41 -17.76 -14.71
C PRO D 178 11.46 -18.33 -16.14
N GLU D 179 10.30 -18.37 -16.80
CA GLU D 179 10.16 -18.85 -18.19
C GLU D 179 10.05 -17.69 -19.19
N GLY D 180 10.30 -16.48 -18.72
CA GLY D 180 10.22 -15.30 -19.57
C GLY D 180 8.79 -14.79 -19.75
N VAL D 181 7.88 -15.11 -18.82
CA VAL D 181 6.51 -14.57 -18.93
C VAL D 181 6.22 -13.47 -17.89
N ARG D 182 5.68 -12.34 -18.37
CA ARG D 182 5.34 -11.22 -17.48
C ARG D 182 3.84 -11.13 -17.32
N VAL D 183 3.43 -10.72 -16.11
CA VAL D 183 2.03 -10.64 -15.73
C VAL D 183 1.73 -9.35 -14.96
N ASN D 184 0.84 -8.54 -15.53
CA ASN D 184 0.47 -7.26 -14.93
C ASN D 184 -1.02 -7.01 -15.01
N ALA D 185 -1.44 -5.92 -14.37
CA ALA D 185 -2.81 -5.48 -14.46
C ALA D 185 -2.85 -3.99 -14.60
N ILE D 186 -4.00 -3.52 -15.06
CA ILE D 186 -4.28 -2.13 -15.12
C ILE D 186 -5.53 -1.97 -14.31
N SER D 187 -5.48 -1.03 -13.37
CA SER D 187 -6.64 -0.69 -12.56
C SER D 187 -7.17 0.59 -13.19
N ALA D 188 -8.23 0.46 -14.00
CA ALA D 188 -8.76 1.56 -14.73
C ALA D 188 -9.78 2.35 -13.96
N GLY D 189 -9.79 3.67 -14.19
CA GLY D 189 -10.81 4.53 -13.59
C GLY D 189 -12.15 4.24 -14.30
N PRO D 190 -13.23 4.85 -13.85
CA PRO D 190 -14.52 4.64 -14.52
C PRO D 190 -14.47 5.42 -15.82
N ILE D 191 -15.11 4.87 -16.85
CA ILE D 191 -15.06 5.46 -18.18
C ILE D 191 -16.40 6.06 -18.64
N ARG D 192 -16.32 7.30 -19.14
CA ARG D 192 -17.55 8.09 -19.20
C ARG D 192 -18.62 7.33 -19.97
N THR D 193 -18.20 6.73 -21.05
CA THR D 193 -19.14 6.14 -22.02
C THR D 193 -19.63 4.78 -21.55
N LEU D 194 -18.69 4.02 -21.06
CA LEU D 194 -18.93 2.61 -20.74
C LEU D 194 -19.01 2.49 -19.25
N MET D 205 -22.05 9.97 -10.64
CA MET D 205 -20.81 9.71 -9.92
C MET D 205 -19.64 10.42 -10.58
N LEU D 206 -19.56 10.26 -11.90
CA LEU D 206 -18.45 10.76 -12.68
C LEU D 206 -18.19 12.23 -12.64
N ALA D 207 -19.23 13.02 -12.50
CA ALA D 207 -19.03 14.44 -12.41
C ALA D 207 -18.31 14.67 -11.08
N HIS D 208 -18.37 13.64 -10.20
CA HIS D 208 -17.64 13.62 -8.91
C HIS D 208 -16.21 13.32 -9.31
N CYS D 209 -16.04 12.19 -10.00
CA CYS D 209 -14.74 11.76 -10.48
C CYS D 209 -14.01 12.82 -11.28
N GLU D 210 -14.66 13.47 -12.20
CA GLU D 210 -14.02 14.49 -13.02
C GLU D 210 -13.59 15.67 -12.17
N ALA D 211 -14.48 16.07 -11.28
CA ALA D 211 -14.25 17.21 -10.39
C ALA D 211 -13.03 16.97 -9.53
N VAL D 212 -12.84 15.72 -9.18
CA VAL D 212 -11.81 15.36 -8.24
C VAL D 212 -10.56 14.68 -8.80
N THR D 213 -10.62 14.22 -10.03
CA THR D 213 -9.46 13.57 -10.59
C THR D 213 -8.49 14.70 -10.93
N PRO D 214 -7.22 14.55 -10.53
CA PRO D 214 -6.20 15.59 -10.79
C PRO D 214 -6.20 16.08 -12.24
N ILE D 215 -6.28 15.17 -13.20
CA ILE D 215 -6.27 15.60 -14.59
C ILE D 215 -7.62 16.18 -15.02
N ARG D 216 -8.61 16.15 -14.13
CA ARG D 216 -9.92 16.74 -14.38
C ARG D 216 -10.71 16.23 -15.57
N ARG D 217 -10.63 14.95 -15.79
CA ARG D 217 -11.42 14.31 -16.83
C ARG D 217 -11.43 12.88 -16.40
N THR D 218 -12.32 12.12 -16.95
CA THR D 218 -12.27 10.71 -16.71
C THR D 218 -11.35 10.17 -17.81
N VAL D 219 -10.84 8.96 -17.65
CA VAL D 219 -10.01 8.37 -18.69
C VAL D 219 -10.84 7.71 -19.79
N THR D 220 -10.19 7.45 -20.91
CA THR D 220 -10.84 6.88 -22.06
C THR D 220 -10.29 5.50 -22.43
N ILE D 221 -11.05 4.72 -23.22
CA ILE D 221 -10.62 3.39 -23.67
C ILE D 221 -9.33 3.53 -24.44
N GLU D 222 -9.13 4.73 -24.99
CA GLU D 222 -7.89 5.01 -25.72
C GLU D 222 -6.76 5.09 -24.71
N ASP D 223 -6.98 5.80 -23.58
CA ASP D 223 -5.93 5.92 -22.55
C ASP D 223 -5.61 4.55 -22.06
N VAL D 224 -6.66 3.79 -21.82
CA VAL D 224 -6.45 2.45 -21.28
C VAL D 224 -5.75 1.60 -22.32
N GLY D 225 -6.23 1.70 -23.57
CA GLY D 225 -5.65 0.93 -24.65
C GLY D 225 -4.14 1.16 -24.83
N ASN D 226 -3.72 2.44 -24.73
CA ASN D 226 -2.30 2.81 -24.92
C ASN D 226 -1.41 2.24 -23.88
N SER D 227 -1.91 2.24 -22.65
CA SER D 227 -1.17 1.69 -21.50
C SER D 227 -1.04 0.22 -21.62
N ALA D 228 -2.13 -0.43 -22.03
CA ALA D 228 -2.14 -1.89 -22.23
C ALA D 228 -1.13 -2.32 -23.30
N ALA D 229 -1.06 -1.54 -24.37
CA ALA D 229 -0.13 -1.84 -25.45
C ALA D 229 1.26 -1.80 -24.92
N PHE D 230 1.57 -0.73 -24.18
CA PHE D 230 2.89 -0.61 -23.60
C PHE D 230 3.17 -1.81 -22.70
N LEU D 231 2.22 -2.11 -21.80
CA LEU D 231 2.41 -3.21 -20.85
C LEU D 231 2.58 -4.59 -21.50
N CYS D 232 2.13 -4.77 -22.73
CA CYS D 232 2.29 -6.08 -23.38
C CYS D 232 3.49 -6.11 -24.35
N SER D 233 4.24 -5.04 -24.40
CA SER D 233 5.31 -4.99 -25.36
C SER D 233 6.62 -5.10 -24.64
N ASP D 234 7.69 -5.22 -25.40
CA ASP D 234 9.01 -5.38 -24.81
C ASP D 234 9.56 -4.14 -24.14
N LEU D 235 8.94 -3.01 -24.41
CA LEU D 235 9.39 -1.74 -23.78
C LEU D 235 9.18 -1.82 -22.25
N SER D 236 8.25 -2.68 -21.78
CA SER D 236 7.95 -2.79 -20.34
C SER D 236 8.52 -4.06 -19.75
N ALA D 237 9.63 -4.51 -20.33
CA ALA D 237 10.26 -5.77 -19.94
C ALA D 237 10.76 -5.82 -18.52
N GLY D 238 10.88 -4.68 -17.85
CA GLY D 238 11.34 -4.67 -16.47
C GLY D 238 10.19 -4.54 -15.46
N ILE D 239 8.96 -4.61 -15.96
CA ILE D 239 7.75 -4.53 -15.14
C ILE D 239 7.00 -5.85 -15.15
N SER D 240 6.83 -6.40 -13.97
CA SER D 240 6.06 -7.61 -13.82
C SER D 240 5.44 -7.65 -12.43
N GLY D 241 4.24 -8.20 -12.36
CA GLY D 241 3.49 -8.39 -11.11
C GLY D 241 2.95 -7.10 -10.56
N GLU D 242 2.75 -6.15 -11.44
CA GLU D 242 2.33 -4.83 -11.05
C GLU D 242 0.88 -4.49 -11.38
N VAL D 243 0.29 -3.61 -10.58
CA VAL D 243 -1.03 -3.15 -10.82
C VAL D 243 -0.84 -1.69 -11.07
N VAL D 244 -1.07 -1.27 -12.31
CA VAL D 244 -0.85 0.10 -12.68
C VAL D 244 -2.14 0.88 -12.72
N HIS D 245 -2.21 1.99 -11.98
CA HIS D 245 -3.45 2.76 -11.96
C HIS D 245 -3.56 3.70 -13.13
N VAL D 246 -4.61 3.50 -13.89
CA VAL D 246 -4.90 4.37 -15.01
C VAL D 246 -6.26 4.97 -14.75
N ASP D 247 -6.24 5.96 -13.84
CA ASP D 247 -7.42 6.63 -13.42
C ASP D 247 -7.15 8.13 -13.29
N GLY D 248 -6.09 8.61 -13.94
CA GLY D 248 -5.77 10.02 -13.88
C GLY D 248 -5.41 10.57 -12.50
N GLY D 249 -4.96 9.69 -11.61
CA GLY D 249 -4.53 10.03 -10.26
C GLY D 249 -5.68 10.05 -9.28
N PHE D 250 -6.85 9.69 -9.76
CA PHE D 250 -8.02 9.71 -8.89
C PHE D 250 -7.75 9.11 -7.49
N SER D 251 -7.11 7.94 -7.45
CA SER D 251 -6.82 7.23 -6.21
C SER D 251 -5.86 7.87 -5.19
N ILE D 252 -4.95 8.74 -5.64
CA ILE D 252 -3.96 9.36 -4.73
C ILE D 252 -4.31 10.74 -4.17
N ALA D 253 -5.53 11.17 -4.46
CA ALA D 253 -6.07 12.45 -3.97
C ALA D 253 -7.07 12.18 -2.82
N ALA D 254 -7.33 13.16 -1.93
CA ALA D 254 -8.30 12.96 -0.86
C ALA D 254 -8.89 14.27 -0.40
N MET D 255 -10.14 14.24 0.08
CA MET D 255 -10.83 15.45 0.58
C MET D 255 -10.63 16.60 -0.37
N ASN D 256 -10.90 16.34 -1.64
CA ASN D 256 -10.71 17.36 -2.63
C ASN D 256 -11.93 18.29 -2.78
N GLU D 257 -12.44 18.70 -1.60
CA GLU D 257 -13.55 19.63 -1.44
C GLU D 257 -14.34 19.92 -2.73
PA NAD E . -0.77 20.43 18.50
O1A NAD E . -0.73 21.77 17.76
O2A NAD E . -1.16 20.60 19.99
O5B NAD E . 0.57 19.57 18.29
C5B NAD E . 1.91 20.20 18.14
C4B NAD E . 2.74 20.11 19.36
O4B NAD E . 4.18 20.22 18.89
C3B NAD E . 2.67 21.26 20.50
O3B NAD E . 2.43 20.65 21.86
C2B NAD E . 3.97 22.07 20.41
O2B NAD E . 4.48 22.67 21.49
C1B NAD E . 4.88 20.96 19.84
N9A NAD E . 6.03 21.53 19.15
C8A NAD E . 6.15 22.24 17.96
N7A NAD E . 7.40 22.62 17.64
C5A NAD E . 8.16 22.21 18.64
C6A NAD E . 9.61 22.36 18.84
N6A NAD E . 10.42 22.95 18.04
N1A NAD E . 10.06 21.78 20.05
C2A NAD E . 9.28 21.16 20.92
N3A NAD E . 7.89 21.00 20.80
C4A NAD E . 7.36 21.53 19.63
O3 NAD E . -1.81 19.49 17.79
PN NAD E . -1.99 17.87 17.56
O1N NAD E . -2.15 17.69 16.14
O2N NAD E . -2.98 17.43 18.55
O5D NAD E . -0.63 17.15 18.03
C5D NAD E . 0.55 17.20 17.23
C4D NAD E . 0.98 15.92 16.65
O4D NAD E . -0.26 15.04 16.23
C3D NAD E . 1.66 16.12 15.23
O3D NAD E . 2.58 15.12 15.14
C2D NAD E . 0.49 16.10 14.18
O2D NAD E . 0.91 15.87 12.90
C1D NAD E . -0.35 14.91 14.79
N1N NAD E . -1.85 14.68 14.27
C2N NAD E . -2.87 15.66 14.46
C3N NAD E . -4.10 15.34 13.83
C7N NAD E . -5.24 16.47 14.07
O7N NAD E . -6.36 16.28 13.54
N7N NAD E . -4.91 17.55 14.82
C4N NAD E . -4.38 14.20 13.07
C5N NAD E . -3.26 13.29 12.94
C6N NAD E . -2.03 13.52 13.52
PA NAD F . 23.87 8.79 -9.93
O1A NAD F . 23.85 8.07 -8.50
O2A NAD F . 25.22 9.34 -10.49
O5B NAD F . 22.77 9.96 -9.92
C5B NAD F . 23.02 11.26 -9.24
C4B NAD F . 23.01 12.38 -10.21
O4B NAD F . 22.50 13.61 -9.51
C3B NAD F . 24.35 12.87 -10.88
O3B NAD F . 24.11 12.99 -12.34
C2B NAD F . 24.69 14.21 -10.22
O2B NAD F . 25.45 15.10 -10.86
C1B NAD F . 23.24 14.70 -9.93
N9A NAD F . 23.19 15.67 -8.83
C8A NAD F . 23.57 15.50 -7.51
N7A NAD F . 23.62 16.61 -6.78
C5A NAD F . 23.27 17.61 -7.61
C6A NAD F . 23.16 19.04 -7.35
N6A NAD F . 23.43 19.64 -6.19
N1A NAD F . 22.72 19.77 -8.48
C2A NAD F . 22.46 19.26 -9.69
N3A NAD F . 22.57 17.90 -9.99
C4A NAD F . 22.99 17.09 -8.90
O3 NAD F . 23.28 7.77 -11.09
PN NAD F . 21.72 7.28 -11.66
O1N NAD F . 21.22 6.21 -10.78
O2N NAD F . 21.70 7.14 -13.15
O5D NAD F . 20.89 8.63 -11.38
C5D NAD F . 20.32 8.89 -10.05
C4D NAD F . 18.87 8.88 -10.12
O4D NAD F . 18.46 7.39 -10.22
C3D NAD F . 18.06 9.32 -8.82
O3D NAD F . 16.83 9.82 -9.27
C2D NAD F . 17.96 8.03 -7.93
O2D NAD F . 16.86 8.07 -7.07
C1D NAD F . 17.77 6.99 -9.06
N1N NAD F . 17.91 5.44 -8.70
C2N NAD F . 19.16 4.75 -8.49
C3N NAD F . 18.97 3.37 -8.48
C7N NAD F . 20.36 2.54 -8.38
O7N NAD F . 20.26 1.27 -8.21
N7N NAD F . 21.49 3.26 -8.54
C4N NAD F . 17.78 2.64 -8.51
C5N NAD F . 16.64 3.48 -8.66
C6N NAD F . 16.69 4.87 -8.61
PA NAD G . -5.34 -23.83 11.29
O1A NAD G . -4.58 -23.70 9.92
O2A NAD G . -5.53 -25.19 12.00
O5B NAD G . -6.76 -23.15 11.17
C5B NAD G . -7.87 -23.92 10.60
C4B NAD G . -8.96 -23.98 11.56
O4B NAD G . -10.20 -23.81 10.78
C3B NAD G . -9.24 -25.30 12.40
O3B NAD G . -9.57 -24.91 13.80
C2B NAD G . -10.43 -26.00 11.76
O2B NAD G . -11.26 -26.70 12.59
C1B NAD G . -11.12 -24.74 11.15
N9A NAD G . -11.87 -25.02 9.97
C8A NAD G . -11.48 -25.54 8.74
N7A NAD G . -12.47 -25.81 7.90
C5A NAD G . -13.64 -25.47 8.57
C6A NAD G . -15.09 -25.56 8.18
N6A NAD G . -15.55 -26.02 7.06
N1A NAD G . -15.96 -25.10 9.16
C2A NAD G . -15.61 -24.63 10.34
N3A NAD G . -14.29 -24.55 10.77
C4A NAD G . -13.31 -24.98 9.85
O3 NAD G . -4.69 -22.91 12.37
PN NAD G . -3.93 -21.42 12.37
O1N NAD G . -3.26 -21.25 11.09
O2N NAD G . -3.20 -21.33 13.63
O5D NAD G . -5.20 -20.41 12.53
C5D NAD G . -6.28 -20.32 11.53
C4D NAD G . -6.52 -18.94 11.05
O4D NAD G . -5.27 -18.05 11.44
C3D NAD G . -6.54 -18.71 9.48
O3D NAD G . -7.54 -17.75 9.30
C2D NAD G . -5.05 -18.40 9.07
O2D NAD G . -4.87 -17.83 7.86
C1D NAD G . -4.58 -17.56 10.27
N1N NAD G . -3.00 -17.48 10.31
C2N NAD G . -2.13 -18.60 10.65
C3N NAD G . -0.75 -18.22 10.79
C7N NAD G . 0.24 -19.47 11.00
O7N NAD G . 1.49 -19.15 11.28
N7N NAD G . -0.26 -20.75 10.96
C4N NAD G . -0.20 -16.94 10.70
C5N NAD G . -1.16 -15.92 10.43
C6N NAD G . -2.53 -16.21 10.15
PA NAD H . -17.60 -5.44 -21.01
O1A NAD H . -19.02 -5.79 -20.61
O2A NAD H . -17.39 -5.01 -22.49
O5B NAD H . -16.59 -6.62 -20.60
C5B NAD H . -17.02 -7.96 -20.14
C4B NAD H . -16.73 -8.93 -21.17
O4B NAD H . -16.59 -10.24 -20.46
C3B NAD H . -17.84 -9.23 -22.27
O3B NAD H . -17.30 -9.07 -23.66
C2B NAD H . -18.38 -10.63 -21.99
O2B NAD H . -18.85 -11.38 -23.02
C1B NAD H . -17.12 -11.19 -21.28
N9A NAD H . -17.43 -12.28 -20.41
C8A NAD H . -18.15 -12.34 -19.23
N7A NAD H . -18.29 -13.59 -18.73
C5A NAD H . -17.66 -14.43 -19.57
C6A NAD H . -17.47 -15.90 -19.57
N6A NAD H . -17.91 -16.78 -18.66
N1A NAD H . -16.74 -16.33 -20.63
C2A NAD H . -16.25 -15.54 -21.61
N3A NAD H . -16.38 -14.18 -21.66
C4A NAD H . -17.12 -13.64 -20.64
O3 NAD H . -17.05 -4.29 -20.05
PN NAD H . -15.55 -3.67 -19.63
O1N NAD H . -15.70 -3.09 -18.31
O2N NAD H . -15.02 -2.88 -20.78
O5D NAD H . -14.60 -4.96 -19.56
C5D NAD H . -14.65 -5.84 -18.41
C4D NAD H . -13.35 -5.96 -17.77
O4D NAD H . -12.73 -4.50 -17.63
C3D NAD H . -13.34 -6.41 -16.25
O3D NAD H . -12.08 -6.93 -16.06
C2D NAD H . -13.66 -5.09 -15.44
O2D NAD H . -13.38 -5.13 -14.11
C1D NAD H . -12.75 -4.09 -16.21
N1N NAD H . -12.96 -2.52 -15.94
C2N NAD H . -14.09 -1.80 -16.38
C3N NAD H . -14.10 -0.45 -15.92
C7N NAD H . -15.36 0.37 -16.46
O7N NAD H . -15.44 1.59 -16.07
N7N NAD H . -16.25 -0.27 -17.27
C4N NAD H . -13.16 0.18 -15.12
C5N NAD H . -12.10 -0.68 -14.73
C6N NAD H . -12.01 -2.01 -15.12
#